data_7LAL
#
_entry.id   7LAL
#
_cell.length_a   107.724
_cell.length_b   107.724
_cell.length_c   239.735
_cell.angle_alpha   90.000
_cell.angle_beta   90.000
_cell.angle_gamma   90.000
#
_symmetry.space_group_name_H-M   'P 43 21 2'
#
loop_
_entity.id
_entity.type
_entity.pdbx_description
1 polymer 'Myeloperoxidase light chain'
2 polymer 'Isoform H14 of Myeloperoxidase'
3 branched 2-acetamido-2-deoxy-beta-D-glucopyranose-(1-4)-2-acetamido-2-deoxy-beta-D-glucopyranose
4 branched beta-D-mannopyranose-(1-4)-2-acetamido-2-deoxy-beta-D-glucopyranose-(1-4)-[alpha-L-fucopyranose-(1-6)]2-acetamido-2-deoxy-beta-D-glucopyranose
5 non-polymer 'CHLORIDE ION'
6 non-polymer 'PROTOPORPHYRIN IX CONTAINING FE'
7 non-polymer alpha-D-mannopyranose
8 non-polymer 'CALCIUM ION'
9 non-polymer 2-acetamido-2-deoxy-beta-D-glucopyranose
10 non-polymer 7-[(1R)-3-{[(1R)-2,3-dihydro-1H-inden-1-yl]amino}-1-phenylpropyl]-3H-[1,2,3]triazolo[4,5-b]pyridin-5-amine
11 water water
#
loop_
_entity_poly.entity_id
_entity_poly.type
_entity_poly.pdbx_seq_one_letter_code
_entity_poly.pdbx_strand_id
1 'polypeptide(L)'
;CPEQDKYRTITGMCNNRRSPTLGASNRAFVRWLPAEYEDGFSLPYGWTPGVKRNGFPVALARAVSNEIVRFPTDQLTPDQ
ERSLMFMQWGQLLDHDLDFTPEPAA
;
A,D
2 'polypeptide(L)'
;VNCETSCVQQPPCFPLKIPPNDPRIKNQADCIPFFRSCPACPGSNITIRNQINALTSFVDASMVYGSEEPLARNLRNMSN
QLGLLAVNQRFQDNGRALLPFDNLHDDPCLLTNRSARIPCFLAGDTRSSEMPELTSMHTLLLREHNRLATELKSLNPRWD
GERLYQEARKIVGAMVQIITYRDYLPLVLGPTAMRKYLPTYRSYNDSVDPRIANVFTNAFRYGHTLIQPFMFRLDNRYQP
MEPNPRVPLSRVFFASWRVVLEGGIDPILRGLMATPAKLNRQNQIAVDEIRERLFEQVMRIGLDLPALNMQRSRDHGLPG
YNAWRRFCGLPQPETVGQLGTVLRNLKLARKLMEQYGTPNNIDIWMGGVSEPLKRKGRVGPLLACIIGTQFRKLRDGDRF
WWENEGVFSMQQRQALAQISLPRIICDNTGITTVSKNNIFMSNSYPRDFVNCSTLPALNLASWREA
;
B,E
#
# COMPACT_ATOMS: atom_id res chain seq x y z
N CYS A 1 20.77 11.29 5.25
CA CYS A 1 21.17 10.21 4.34
C CYS A 1 22.53 10.48 3.66
N PRO A 2 23.60 9.68 3.99
CA PRO A 2 24.92 9.92 3.37
C PRO A 2 24.96 9.83 1.84
N GLU A 3 25.71 10.75 1.19
CA GLU A 3 25.85 10.90 -0.26
C GLU A 3 26.62 9.76 -0.95
N GLN A 4 27.54 9.09 -0.21
CA GLN A 4 28.37 7.97 -0.66
C GLN A 4 28.60 7.08 0.54
N ASP A 5 28.42 5.75 0.36
CA ASP A 5 28.56 4.74 1.43
C ASP A 5 29.02 3.37 0.93
N LYS A 6 29.86 2.69 1.72
CA LYS A 6 30.42 1.38 1.39
C LYS A 6 29.74 0.23 2.13
N TYR A 7 29.17 0.51 3.30
CA TYR A 7 28.54 -0.53 4.08
C TYR A 7 27.06 -0.31 4.33
N ARG A 8 26.39 -1.40 4.68
CA ARG A 8 24.99 -1.41 5.00
C ARG A 8 24.83 -0.77 6.36
N THR A 9 23.61 -0.29 6.67
CA THR A 9 23.33 0.18 8.01
C THR A 9 22.81 -1.08 8.69
N ILE A 10 22.81 -1.09 10.03
CA ILE A 10 22.29 -2.22 10.78
C ILE A 10 20.76 -2.37 10.56
N THR A 11 20.06 -1.22 10.48
CA THR A 11 18.60 -1.16 10.33
C THR A 11 18.05 -1.29 8.92
N GLY A 12 18.89 -1.21 7.90
CA GLY A 12 18.43 -1.24 6.52
C GLY A 12 18.12 0.15 6.03
N MET A 13 18.10 1.13 6.94
CA MET A 13 17.88 2.53 6.67
C MET A 13 18.87 2.97 5.58
N CYS A 14 18.42 3.78 4.63
CA CYS A 14 19.26 4.32 3.55
C CYS A 14 19.65 3.39 2.40
N ASN A 15 19.15 2.13 2.38
CA ASN A 15 19.42 1.25 1.25
C ASN A 15 18.75 1.88 0.01
N ASN A 16 17.44 2.27 0.11
CA ASN A 16 16.72 2.96 -0.95
C ASN A 16 16.80 4.43 -0.64
N ARG A 17 17.60 5.19 -1.39
CA ARG A 17 17.79 6.62 -1.10
C ARG A 17 16.54 7.46 -1.27
N ARG A 18 15.63 7.09 -2.21
CA ARG A 18 14.40 7.84 -2.45
C ARG A 18 13.39 7.71 -1.31
N SER A 19 13.24 6.46 -0.78
CA SER A 19 12.35 6.12 0.33
C SER A 19 13.20 5.38 1.38
N PRO A 20 14.00 6.15 2.18
CA PRO A 20 14.95 5.55 3.12
C PRO A 20 14.56 4.47 4.12
N THR A 21 13.27 4.25 4.38
CA THR A 21 12.85 3.22 5.34
C THR A 21 12.54 1.88 4.69
N LEU A 22 12.45 1.83 3.36
CA LEU A 22 12.10 0.58 2.66
C LEU A 22 13.12 -0.54 2.87
N GLY A 23 12.67 -1.59 3.52
CA GLY A 23 13.52 -2.73 3.83
C GLY A 23 14.10 -2.63 5.23
N ALA A 24 14.05 -1.43 5.80
CA ALA A 24 14.51 -1.15 7.14
C ALA A 24 13.58 -1.80 8.18
N SER A 25 14.17 -2.15 9.35
CA SER A 25 13.54 -2.79 10.49
C SER A 25 12.54 -1.88 11.22
N ASN A 26 11.59 -2.49 11.95
CA ASN A 26 10.56 -1.81 12.75
C ASN A 26 9.72 -0.81 11.97
N ARG A 27 9.15 -1.33 10.89
CA ARG A 27 8.27 -0.61 9.95
C ARG A 27 7.17 -1.58 9.55
N ALA A 28 6.04 -1.05 9.04
CA ALA A 28 4.91 -1.86 8.61
C ALA A 28 5.22 -2.64 7.32
N PHE A 29 4.76 -3.90 7.24
CA PHE A 29 4.82 -4.72 6.06
C PHE A 29 4.08 -4.01 4.92
N VAL A 30 4.47 -4.34 3.71
CA VAL A 30 3.76 -3.82 2.55
C VAL A 30 2.58 -4.81 2.37
N ARG A 31 1.57 -4.41 1.63
CA ARG A 31 0.43 -5.25 1.33
C ARG A 31 0.27 -5.40 -0.14
N TRP A 32 0.18 -6.66 -0.57
CA TRP A 32 -0.05 -6.96 -1.98
C TRP A 32 -1.54 -6.99 -2.27
N LEU A 33 -2.37 -7.21 -1.25
CA LEU A 33 -3.83 -7.11 -1.38
C LEU A 33 -4.45 -6.31 -0.23
N PRO A 34 -5.59 -5.62 -0.37
CA PRO A 34 -6.19 -4.98 0.82
C PRO A 34 -6.62 -6.03 1.85
N ALA A 35 -6.55 -5.70 3.12
CA ALA A 35 -6.90 -6.64 4.20
C ALA A 35 -8.39 -6.93 4.29
N GLU A 36 -8.71 -8.14 4.75
CA GLU A 36 -10.08 -8.60 4.96
C GLU A 36 -10.24 -8.94 6.45
N TYR A 37 -11.00 -8.10 7.14
CA TYR A 37 -11.32 -8.20 8.55
C TYR A 37 -12.80 -8.21 8.67
N GLU A 38 -13.29 -8.71 9.81
CA GLU A 38 -14.69 -8.78 10.15
C GLU A 38 -15.37 -7.44 9.94
N ASP A 39 -14.87 -6.38 10.61
CA ASP A 39 -15.36 -5.00 10.58
C ASP A 39 -14.75 -4.16 9.44
N GLY A 40 -13.93 -4.78 8.59
CA GLY A 40 -13.27 -4.09 7.50
C GLY A 40 -11.95 -3.45 7.85
N PHE A 41 -11.67 -3.21 9.16
CA PHE A 41 -10.43 -2.55 9.59
C PHE A 41 -9.56 -3.20 10.69
N SER A 42 -10.11 -4.04 11.60
CA SER A 42 -9.31 -4.65 12.69
C SER A 42 -9.69 -6.06 13.19
N LEU A 43 -11.00 -6.36 13.35
CA LEU A 43 -11.39 -7.66 13.89
C LEU A 43 -11.14 -8.79 12.91
N PRO A 44 -10.43 -9.84 13.34
CA PRO A 44 -10.15 -10.97 12.43
C PRO A 44 -11.37 -11.87 12.22
N TYR A 45 -11.49 -12.54 11.06
CA TYR A 45 -12.61 -13.46 10.85
C TYR A 45 -12.48 -14.62 11.84
N GLY A 46 -13.59 -14.91 12.50
CA GLY A 46 -13.65 -15.92 13.56
C GLY A 46 -13.80 -15.27 14.93
N TRP A 47 -13.61 -13.96 15.02
CA TRP A 47 -13.70 -13.16 16.25
C TRP A 47 -15.12 -13.20 16.83
N THR A 48 -16.10 -12.68 16.08
CA THR A 48 -17.51 -12.60 16.48
C THR A 48 -18.29 -13.87 16.18
N PRO A 49 -18.89 -14.48 17.23
CA PRO A 49 -19.69 -15.71 17.01
C PRO A 49 -20.88 -15.42 16.10
N GLY A 50 -21.03 -16.29 15.09
CA GLY A 50 -22.11 -16.24 14.12
C GLY A 50 -21.85 -15.42 12.86
N VAL A 51 -20.75 -14.65 12.84
CA VAL A 51 -20.37 -13.82 11.69
C VAL A 51 -19.66 -14.63 10.58
N LYS A 52 -20.41 -14.89 9.48
CA LYS A 52 -19.96 -15.64 8.32
C LYS A 52 -18.87 -14.88 7.55
N ARG A 53 -18.04 -15.60 6.78
CA ARG A 53 -17.04 -15.01 5.89
C ARG A 53 -17.42 -15.44 4.45
N ASN A 54 -17.65 -14.45 3.57
CA ASN A 54 -18.00 -14.68 2.17
C ASN A 54 -19.20 -15.65 2.02
N GLY A 55 -20.16 -15.50 2.92
CA GLY A 55 -21.38 -16.30 2.94
C GLY A 55 -21.28 -17.68 3.56
N PHE A 56 -20.17 -17.99 4.23
CA PHE A 56 -19.98 -19.27 4.90
C PHE A 56 -19.47 -19.18 6.33
N PRO A 57 -19.85 -20.09 7.25
CA PRO A 57 -19.26 -20.05 8.62
C PRO A 57 -17.74 -20.19 8.58
N VAL A 58 -17.07 -19.66 9.60
CA VAL A 58 -15.62 -19.66 9.65
C VAL A 58 -15.22 -20.91 10.41
N ALA A 59 -14.45 -21.79 9.76
CA ALA A 59 -13.95 -23.01 10.38
C ALA A 59 -12.85 -22.71 11.43
N LEU A 60 -12.93 -23.37 12.60
CA LEU A 60 -11.93 -23.24 13.67
C LEU A 60 -10.62 -23.72 13.09
N ALA A 61 -9.53 -22.91 13.23
CA ALA A 61 -8.20 -23.25 12.70
C ALA A 61 -7.73 -24.62 13.18
N ARG A 62 -8.12 -25.00 14.42
CA ARG A 62 -7.78 -26.28 15.01
C ARG A 62 -8.53 -27.46 14.31
N ALA A 63 -9.79 -27.25 13.92
CA ALA A 63 -10.60 -28.22 13.21
C ALA A 63 -10.02 -28.47 11.82
N VAL A 64 -9.45 -27.43 11.20
CA VAL A 64 -8.83 -27.58 9.89
C VAL A 64 -7.55 -28.41 10.03
N SER A 65 -6.75 -28.12 11.09
CA SER A 65 -5.54 -28.86 11.42
C SER A 65 -5.89 -30.33 11.64
N ASN A 66 -6.90 -30.61 12.49
CA ASN A 66 -7.36 -31.97 12.79
C ASN A 66 -7.88 -32.74 11.58
N GLU A 67 -8.62 -32.08 10.68
CA GLU A 67 -9.27 -32.75 9.54
C GLU A 67 -8.49 -32.85 8.26
N ILE A 68 -7.51 -31.98 8.04
CA ILE A 68 -6.72 -31.97 6.81
C ILE A 68 -5.23 -32.24 7.11
N VAL A 69 -4.67 -31.57 8.14
CA VAL A 69 -3.25 -31.68 8.47
C VAL A 69 -2.86 -33.00 9.16
N ARG A 70 -3.61 -33.41 10.21
CA ARG A 70 -3.39 -34.63 11.02
C ARG A 70 -3.07 -35.86 10.17
N PHE A 71 -2.05 -36.63 10.60
CA PHE A 71 -1.65 -37.89 9.96
C PHE A 71 -0.91 -38.88 10.92
N PRO A 72 -0.90 -40.22 10.65
CA PRO A 72 -0.18 -41.14 11.56
C PRO A 72 1.33 -41.06 11.33
N THR A 73 2.08 -40.68 12.39
CA THR A 73 3.54 -40.47 12.38
C THR A 73 4.33 -41.56 11.61
N ASP A 74 3.92 -42.85 11.74
CA ASP A 74 4.52 -44.02 11.09
C ASP A 74 4.57 -43.90 9.54
N GLN A 75 3.42 -43.55 8.95
CA GLN A 75 3.18 -43.41 7.51
C GLN A 75 3.89 -42.18 6.84
N LEU A 76 4.93 -41.61 7.50
CA LEU A 76 5.77 -40.50 7.00
C LEU A 76 6.55 -40.89 5.74
N THR A 77 6.69 -39.92 4.81
CA THR A 77 7.44 -40.11 3.57
C THR A 77 8.71 -39.28 3.61
N PRO A 78 9.90 -39.91 3.48
CA PRO A 78 11.13 -39.11 3.45
C PRO A 78 11.38 -38.56 2.04
N ASP A 79 11.92 -37.33 1.95
CA ASP A 79 12.23 -36.75 0.66
C ASP A 79 13.51 -37.41 0.13
N GLN A 80 13.38 -38.16 -0.99
CA GLN A 80 14.50 -38.83 -1.64
C GLN A 80 15.48 -37.81 -2.22
N GLU A 81 14.95 -36.63 -2.60
CA GLU A 81 15.66 -35.55 -3.27
C GLU A 81 16.00 -34.32 -2.39
N ARG A 82 15.77 -34.36 -1.04
CA ARG A 82 16.11 -33.23 -0.14
C ARG A 82 16.67 -33.66 1.22
N SER A 83 17.68 -32.91 1.72
CA SER A 83 18.28 -33.15 3.04
C SER A 83 17.52 -32.34 4.08
N LEU A 84 17.77 -32.56 5.39
CA LEU A 84 17.12 -31.77 6.42
C LEU A 84 17.72 -30.36 6.47
N MET A 85 18.95 -30.19 5.92
CA MET A 85 19.60 -28.88 5.85
C MET A 85 18.74 -27.93 5.02
N PHE A 86 18.11 -28.44 3.93
CA PHE A 86 17.16 -27.71 3.07
C PHE A 86 16.06 -27.06 3.93
N MET A 87 15.48 -27.82 4.88
CA MET A 87 14.49 -27.33 5.82
C MET A 87 15.17 -26.23 6.66
N GLN A 88 16.19 -26.60 7.50
CA GLN A 88 16.92 -25.71 8.41
C GLN A 88 17.44 -24.40 7.82
N TRP A 89 17.91 -24.42 6.55
CA TRP A 89 18.35 -23.20 5.86
C TRP A 89 17.13 -22.26 5.63
N GLY A 90 15.98 -22.84 5.29
CA GLY A 90 14.73 -22.09 5.10
C GLY A 90 14.33 -21.29 6.32
N GLN A 91 14.38 -21.92 7.52
CA GLN A 91 14.07 -21.26 8.79
C GLN A 91 15.11 -20.20 9.12
N LEU A 92 16.41 -20.48 8.92
CA LEU A 92 17.51 -19.52 9.17
C LEU A 92 17.34 -18.29 8.26
N LEU A 93 17.01 -18.51 6.96
CA LEU A 93 16.76 -17.47 5.97
C LEU A 93 15.49 -16.70 6.34
N ASP A 94 14.44 -17.39 6.81
CA ASP A 94 13.21 -16.73 7.23
C ASP A 94 13.52 -15.68 8.33
N HIS A 95 14.51 -16.01 9.19
CA HIS A 95 14.95 -15.24 10.35
C HIS A 95 15.85 -14.06 9.99
N ASP A 96 16.21 -13.95 8.70
CA ASP A 96 16.97 -12.84 8.11
C ASP A 96 15.97 -11.84 7.54
N LEU A 97 14.77 -12.33 7.17
CA LEU A 97 13.74 -11.52 6.51
C LEU A 97 12.65 -10.97 7.37
N ASP A 98 11.96 -11.81 8.15
CA ASP A 98 10.83 -11.30 8.92
C ASP A 98 10.63 -11.85 10.32
N PHE A 99 10.09 -11.00 11.18
CA PHE A 99 9.72 -11.31 12.57
C PHE A 99 8.63 -10.36 12.94
N THR A 100 7.42 -10.91 13.15
CA THR A 100 6.24 -10.12 13.48
C THR A 100 6.10 -10.10 14.98
N PRO A 101 6.44 -8.96 15.63
CA PRO A 101 6.28 -8.91 17.09
C PRO A 101 4.83 -8.98 17.55
N GLU A 102 4.65 -9.56 18.73
CA GLU A 102 3.38 -9.64 19.43
C GLU A 102 3.59 -8.99 20.82
N PRO A 103 2.53 -8.53 21.53
CA PRO A 103 2.75 -7.86 22.82
C PRO A 103 3.00 -8.82 23.97
N ASN B 2 -3.70 -11.59 29.49
CA ASN B 2 -3.09 -12.80 30.03
C ASN B 2 -3.30 -13.98 29.07
N CYS B 3 -2.88 -13.80 27.80
CA CYS B 3 -3.06 -14.76 26.69
C CYS B 3 -2.54 -16.15 26.95
N GLU B 4 -1.37 -16.26 27.62
CA GLU B 4 -0.73 -17.52 27.96
C GLU B 4 -1.56 -18.36 28.92
N THR B 5 -2.44 -17.73 29.74
CA THR B 5 -3.26 -18.44 30.73
C THR B 5 -4.79 -18.32 30.58
N SER B 6 -5.27 -17.28 29.89
CA SER B 6 -6.70 -17.10 29.73
C SER B 6 -7.24 -17.58 28.39
N CYS B 7 -8.56 -17.88 28.36
CA CYS B 7 -9.32 -18.31 27.20
C CYS B 7 -10.30 -17.25 26.75
N VAL B 8 -10.43 -16.19 27.55
CA VAL B 8 -11.32 -15.06 27.31
C VAL B 8 -10.77 -14.28 26.10
N GLN B 9 -11.67 -14.01 25.16
CA GLN B 9 -11.33 -13.26 23.95
C GLN B 9 -11.58 -11.78 24.22
N GLN B 10 -10.52 -11.14 24.71
CA GLN B 10 -10.41 -9.70 24.97
C GLN B 10 -9.07 -9.29 24.35
N PRO B 11 -8.96 -8.10 23.72
CA PRO B 11 -7.65 -7.70 23.13
C PRO B 11 -6.52 -7.66 24.18
N PRO B 12 -5.28 -8.10 23.91
CA PRO B 12 -4.72 -8.56 22.61
C PRO B 12 -4.85 -10.06 22.34
N CYS B 13 -5.80 -10.73 23.00
CA CYS B 13 -5.95 -12.16 22.88
C CYS B 13 -6.91 -12.55 21.83
N PHE B 14 -6.51 -13.58 21.06
CA PHE B 14 -7.34 -14.19 20.03
C PHE B 14 -7.11 -15.71 20.14
N PRO B 15 -7.54 -16.33 21.27
CA PRO B 15 -7.27 -17.76 21.45
C PRO B 15 -8.06 -18.62 20.51
N LEU B 16 -7.44 -19.75 20.12
CA LEU B 16 -8.03 -20.75 19.25
C LEU B 16 -8.99 -21.62 20.10
N LYS B 17 -10.31 -21.60 19.80
CA LYS B 17 -11.36 -22.36 20.50
C LYS B 17 -11.19 -23.88 20.24
N ILE B 18 -11.70 -24.71 21.17
CA ILE B 18 -11.56 -26.17 21.04
C ILE B 18 -12.73 -26.89 20.31
N PRO B 19 -12.44 -27.66 19.23
CA PRO B 19 -13.53 -28.35 18.53
C PRO B 19 -14.00 -29.60 19.27
N PRO B 20 -15.26 -30.05 19.04
CA PRO B 20 -15.72 -31.28 19.70
C PRO B 20 -14.97 -32.48 19.17
N ASN B 21 -14.81 -33.55 19.99
CA ASN B 21 -14.09 -34.77 19.63
C ASN B 21 -12.69 -34.44 19.09
N ASP B 22 -11.93 -33.66 19.88
CA ASP B 22 -10.58 -33.27 19.52
C ASP B 22 -9.67 -34.48 19.78
N PRO B 23 -8.64 -34.75 18.94
CA PRO B 23 -7.73 -35.87 19.21
C PRO B 23 -6.83 -35.74 20.48
N ARG B 24 -6.69 -34.53 21.06
CA ARG B 24 -5.85 -34.33 22.25
C ARG B 24 -6.50 -33.49 23.34
N ILE B 25 -6.99 -32.29 23.02
CA ILE B 25 -7.61 -31.42 24.03
C ILE B 25 -9.07 -31.83 24.25
N LYS B 26 -9.29 -32.75 25.20
CA LYS B 26 -10.59 -33.32 25.58
C LYS B 26 -11.51 -32.32 26.28
N ASN B 27 -10.93 -31.26 26.91
CA ASN B 27 -11.61 -30.19 27.63
C ASN B 27 -11.96 -29.08 26.65
N GLN B 28 -13.27 -28.84 26.37
CA GLN B 28 -13.63 -27.77 25.42
C GLN B 28 -13.62 -26.35 26.01
N ALA B 29 -13.39 -26.20 27.34
CA ALA B 29 -13.33 -24.89 27.98
C ALA B 29 -11.91 -24.31 27.87
N ASP B 30 -10.95 -25.17 27.53
CA ASP B 30 -9.55 -24.81 27.31
C ASP B 30 -9.41 -24.21 25.89
N CYS B 31 -8.16 -23.91 25.45
CA CYS B 31 -7.85 -23.25 24.18
C CYS B 31 -6.38 -23.29 23.86
N ILE B 32 -6.04 -22.93 22.61
CA ILE B 32 -4.65 -22.76 22.20
C ILE B 32 -4.33 -21.23 22.31
N PRO B 33 -3.45 -20.81 23.24
CA PRO B 33 -3.15 -19.38 23.38
C PRO B 33 -2.66 -18.71 22.11
N PHE B 34 -3.03 -17.44 21.96
CA PHE B 34 -2.64 -16.66 20.81
C PHE B 34 -2.73 -15.18 21.15
N PHE B 35 -1.65 -14.47 20.84
CA PHE B 35 -1.50 -13.03 20.99
C PHE B 35 -1.62 -12.45 19.59
N ARG B 36 -2.56 -11.51 19.39
CA ARG B 36 -2.70 -10.79 18.12
C ARG B 36 -1.41 -10.04 17.86
N SER B 37 -0.88 -10.10 16.62
CA SER B 37 0.34 -9.40 16.23
C SER B 37 0.20 -7.89 16.49
N CYS B 38 1.29 -7.25 16.91
CA CYS B 38 1.30 -5.81 17.21
C CYS B 38 0.78 -4.98 16.04
N PRO B 39 -0.20 -4.08 16.30
CA PRO B 39 -0.66 -3.20 15.21
C PRO B 39 0.41 -2.16 14.89
N ALA B 40 0.54 -1.77 13.59
CA ALA B 40 1.48 -0.72 13.15
C ALA B 40 0.99 0.62 13.69
N CYS B 41 -0.33 0.74 13.84
CA CYS B 41 -0.97 1.92 14.32
C CYS B 41 -1.87 1.58 15.51
N PRO B 42 -1.29 1.48 16.72
CA PRO B 42 -2.11 1.10 17.87
C PRO B 42 -3.36 1.95 18.09
N GLY B 43 -4.48 1.24 18.26
CA GLY B 43 -5.79 1.79 18.55
C GLY B 43 -6.38 2.81 17.58
N SER B 44 -6.16 2.62 16.24
CA SER B 44 -6.74 3.55 15.26
C SER B 44 -8.08 3.07 14.75
N ASN B 45 -8.93 4.03 14.36
CA ASN B 45 -10.26 3.74 13.82
C ASN B 45 -10.39 4.40 12.42
N ILE B 46 -9.22 4.57 11.74
CA ILE B 46 -9.03 5.22 10.44
C ILE B 46 -8.26 4.28 9.53
N THR B 47 -7.15 3.75 10.06
CA THR B 47 -6.21 2.91 9.35
C THR B 47 -6.66 1.47 9.39
N ILE B 48 -6.41 0.74 8.29
CA ILE B 48 -6.69 -0.70 8.17
C ILE B 48 -5.51 -1.39 8.86
N ARG B 49 -5.79 -2.06 9.97
CA ARG B 49 -4.81 -2.74 10.77
C ARG B 49 -3.80 -3.50 9.89
N ASN B 50 -2.52 -3.28 10.23
CA ASN B 50 -1.35 -3.89 9.62
C ASN B 50 -0.39 -4.21 10.72
N GLN B 51 0.59 -5.02 10.40
CA GLN B 51 1.52 -5.55 11.36
C GLN B 51 2.95 -5.09 11.02
N ILE B 52 3.89 -5.30 11.98
CA ILE B 52 5.27 -4.83 11.86
C ILE B 52 6.27 -5.94 11.54
N ASN B 53 7.33 -5.61 10.76
CA ASN B 53 8.47 -6.50 10.55
C ASN B 53 9.58 -5.93 11.46
N ALA B 54 9.97 -6.67 12.49
CA ALA B 54 11.01 -6.21 13.42
C ALA B 54 12.45 -6.30 12.82
N LEU B 55 12.57 -6.86 11.59
CA LEU B 55 13.86 -7.08 10.93
C LEU B 55 14.03 -6.36 9.58
N THR B 56 15.28 -6.41 9.03
CA THR B 56 15.58 -5.83 7.72
C THR B 56 15.16 -6.88 6.70
N SER B 57 14.37 -6.49 5.69
CA SER B 57 13.86 -7.44 4.71
C SER B 57 14.98 -8.02 3.85
N PHE B 58 16.07 -7.27 3.69
CA PHE B 58 17.21 -7.68 2.88
C PHE B 58 17.80 -8.98 3.33
N VAL B 59 18.57 -9.65 2.43
CA VAL B 59 19.31 -10.85 2.79
C VAL B 59 20.72 -10.30 3.12
N ASP B 60 20.82 -9.66 4.30
CA ASP B 60 22.00 -8.97 4.79
C ASP B 60 22.60 -9.66 6.03
N ALA B 61 22.14 -10.90 6.32
CA ALA B 61 22.54 -11.69 7.48
C ALA B 61 22.29 -10.94 8.79
N SER B 62 21.10 -10.32 8.89
CA SER B 62 20.68 -9.60 10.09
C SER B 62 20.32 -10.61 11.17
N MET B 63 20.33 -11.92 10.84
CA MET B 63 20.10 -12.96 11.84
C MET B 63 21.44 -13.28 12.56
N VAL B 64 22.52 -12.57 12.18
CA VAL B 64 23.88 -12.67 12.74
C VAL B 64 24.24 -11.31 13.37
N TYR B 65 24.02 -10.21 12.65
CA TYR B 65 24.39 -8.84 13.06
C TYR B 65 23.35 -8.01 13.80
N GLY B 66 22.08 -8.41 13.66
CA GLY B 66 20.96 -7.71 14.24
C GLY B 66 20.35 -6.71 13.28
N SER B 67 19.16 -6.19 13.62
CA SER B 67 18.46 -5.22 12.79
C SER B 67 18.28 -3.86 13.53
N GLU B 68 18.84 -3.75 14.76
CA GLU B 68 18.77 -2.53 15.59
C GLU B 68 20.16 -2.25 16.14
N GLU B 69 20.54 -0.97 16.22
CA GLU B 69 21.87 -0.55 16.67
C GLU B 69 22.31 -1.03 18.09
N PRO B 70 21.54 -0.84 19.19
CA PRO B 70 22.01 -1.32 20.50
C PRO B 70 22.35 -2.82 20.56
N LEU B 71 21.52 -3.68 19.96
CA LEU B 71 21.79 -5.12 19.90
C LEU B 71 23.07 -5.43 19.11
N ALA B 72 23.26 -4.76 17.95
CA ALA B 72 24.39 -4.93 17.04
C ALA B 72 25.74 -4.74 17.70
N ARG B 73 25.86 -3.69 18.56
CA ARG B 73 27.04 -3.34 19.34
C ARG B 73 27.31 -4.45 20.35
N ASN B 74 26.26 -4.86 21.11
CA ASN B 74 26.30 -5.90 22.14
C ASN B 74 26.66 -7.28 21.61
N LEU B 75 26.59 -7.48 20.30
CA LEU B 75 26.96 -8.75 19.69
C LEU B 75 28.46 -8.73 19.31
N ARG B 76 29.04 -7.52 19.21
CA ARG B 76 30.43 -7.30 18.82
C ARG B 76 31.38 -7.23 20.03
N ASN B 77 32.58 -7.87 19.89
CA ASN B 77 33.63 -7.90 20.91
C ASN B 77 34.27 -6.50 20.94
N MET B 78 33.93 -5.71 21.98
CA MET B 78 34.40 -4.33 22.12
C MET B 78 35.66 -4.18 23.01
N SER B 79 36.44 -5.26 23.15
CA SER B 79 37.66 -5.29 23.97
C SER B 79 38.93 -5.00 23.17
N ASN B 80 38.91 -5.28 21.85
CA ASN B 80 40.04 -5.11 20.94
C ASN B 80 39.65 -4.38 19.63
N GLN B 81 40.61 -4.22 18.72
CA GLN B 81 40.43 -3.58 17.42
C GLN B 81 40.60 -4.62 16.29
N LEU B 82 40.19 -5.87 16.59
CA LEU B 82 40.22 -7.01 15.67
C LEU B 82 38.89 -7.15 14.90
N GLY B 83 37.90 -6.32 15.26
CA GLY B 83 36.57 -6.29 14.65
C GLY B 83 35.79 -7.59 14.71
N LEU B 84 35.94 -8.33 15.84
CA LEU B 84 35.33 -9.65 16.10
C LEU B 84 33.83 -9.58 16.58
N LEU B 85 33.12 -10.74 16.53
CA LEU B 85 31.75 -10.89 17.06
C LEU B 85 31.93 -11.62 18.38
N ALA B 86 31.39 -11.09 19.48
CA ALA B 86 31.50 -11.65 20.83
C ALA B 86 31.07 -13.13 20.91
N VAL B 87 31.81 -13.92 21.72
CA VAL B 87 31.58 -15.36 21.91
C VAL B 87 31.22 -15.71 23.36
N ASN B 88 30.73 -16.93 23.58
CA ASN B 88 30.40 -17.44 24.91
C ASN B 88 31.67 -17.48 25.73
N GLN B 89 31.65 -16.91 26.93
CA GLN B 89 32.81 -16.90 27.79
C GLN B 89 32.74 -17.96 28.92
N ARG B 90 31.74 -18.88 28.81
CA ARG B 90 31.53 -19.98 29.76
C ARG B 90 31.82 -21.36 29.15
N PHE B 91 31.31 -21.64 27.94
CA PHE B 91 31.49 -22.92 27.25
C PHE B 91 32.04 -22.84 25.80
N GLN B 92 32.72 -23.92 25.34
CA GLN B 92 33.29 -24.02 23.99
C GLN B 92 33.02 -25.41 23.39
N ASP B 93 32.65 -25.48 22.08
CA ASP B 93 32.35 -26.73 21.36
C ASP B 93 33.63 -27.35 20.80
N ASN B 94 34.33 -28.12 21.68
CA ASN B 94 35.62 -28.79 21.43
C ASN B 94 36.68 -27.80 20.94
N GLY B 95 36.79 -26.69 21.68
CA GLY B 95 37.72 -25.62 21.37
C GLY B 95 37.07 -24.50 20.57
N ARG B 96 36.26 -24.85 19.56
CA ARG B 96 35.57 -23.89 18.70
C ARG B 96 34.48 -23.08 19.40
N ALA B 97 34.35 -21.81 18.98
CA ALA B 97 33.43 -20.78 19.44
C ALA B 97 31.95 -21.19 19.53
N LEU B 98 31.20 -20.57 20.47
CA LEU B 98 29.77 -20.74 20.71
C LEU B 98 29.13 -19.37 20.97
N LEU B 99 27.85 -19.18 20.56
CA LEU B 99 27.11 -17.92 20.75
C LEU B 99 27.07 -17.54 22.23
N PRO B 100 27.20 -16.25 22.58
CA PRO B 100 27.12 -15.87 24.01
C PRO B 100 25.73 -16.10 24.61
N PHE B 101 25.64 -16.19 25.94
CA PHE B 101 24.35 -16.37 26.60
C PHE B 101 23.60 -15.06 26.71
N ASP B 102 22.28 -15.17 26.79
CA ASP B 102 21.40 -14.03 26.92
C ASP B 102 20.91 -13.88 28.36
N ASN B 103 20.88 -12.61 28.83
CA ASN B 103 20.38 -12.23 30.14
C ASN B 103 18.89 -12.05 29.96
N LEU B 104 18.11 -13.12 30.23
CA LEU B 104 16.66 -13.03 30.08
C LEU B 104 15.92 -13.10 31.40
N HIS B 105 14.70 -12.50 31.45
CA HIS B 105 13.82 -12.49 32.62
C HIS B 105 13.27 -13.92 32.84
N ASP B 106 12.26 -14.34 32.07
CA ASP B 106 11.73 -15.69 32.17
C ASP B 106 12.37 -16.47 31.03
N ASP B 107 13.59 -17.02 31.25
CA ASP B 107 14.34 -17.74 30.22
C ASP B 107 13.73 -19.14 29.99
N PRO B 108 13.18 -19.40 28.77
CA PRO B 108 12.55 -20.71 28.51
C PRO B 108 13.53 -21.88 28.33
N CYS B 109 14.79 -21.55 28.01
CA CYS B 109 15.85 -22.54 27.83
C CYS B 109 16.35 -23.19 29.11
N LEU B 110 16.07 -22.56 30.28
CA LEU B 110 16.41 -23.11 31.60
C LEU B 110 15.32 -24.12 32.02
N LEU B 111 14.10 -23.99 31.45
CA LEU B 111 12.94 -24.83 31.72
C LEU B 111 13.07 -26.23 31.12
N THR B 112 13.75 -26.33 29.97
CA THR B 112 13.98 -27.55 29.18
C THR B 112 14.78 -28.65 29.92
N ASN B 113 15.59 -28.22 30.92
CA ASN B 113 16.41 -29.03 31.81
C ASN B 113 16.72 -28.18 33.05
N ARG B 114 15.98 -28.42 34.16
CA ARG B 114 16.11 -27.71 35.43
C ARG B 114 17.47 -27.89 36.13
N SER B 115 18.18 -29.01 35.84
CA SER B 115 19.49 -29.30 36.44
C SER B 115 20.69 -28.84 35.58
N ALA B 116 20.47 -28.55 34.28
CA ALA B 116 21.55 -28.11 33.39
C ALA B 116 21.89 -26.65 33.60
N ARG B 117 20.88 -25.79 33.91
CA ARG B 117 21.05 -24.35 34.16
C ARG B 117 21.74 -23.67 32.96
N ILE B 118 21.32 -24.04 31.72
CA ILE B 118 21.85 -23.50 30.47
C ILE B 118 20.83 -22.54 29.86
N PRO B 119 21.11 -21.21 29.82
CA PRO B 119 20.13 -20.26 29.26
C PRO B 119 20.15 -20.18 27.73
N CYS B 120 19.29 -19.28 27.17
CA CYS B 120 19.19 -19.01 25.73
C CYS B 120 20.44 -18.33 25.24
N PHE B 121 20.69 -18.44 23.92
CA PHE B 121 21.81 -17.79 23.26
C PHE B 121 21.45 -16.42 22.73
N LEU B 122 22.47 -15.56 22.55
CA LEU B 122 22.30 -14.21 22.01
C LEU B 122 22.85 -14.14 20.59
N ALA B 123 21.98 -13.85 19.62
CA ALA B 123 22.34 -13.77 18.21
C ALA B 123 21.66 -12.55 17.57
N GLY B 124 21.86 -12.35 16.25
CA GLY B 124 21.26 -11.28 15.49
C GLY B 124 19.75 -11.28 15.57
N ASP B 125 19.16 -12.50 15.67
CA ASP B 125 17.71 -12.70 15.77
C ASP B 125 17.33 -13.50 17.00
N THR B 126 16.35 -12.97 17.75
CA THR B 126 15.78 -13.48 19.00
C THR B 126 15.40 -14.96 19.04
N ARG B 127 15.22 -15.60 17.89
CA ARG B 127 14.78 -16.99 17.84
C ARG B 127 15.92 -18.05 17.76
N SER B 128 17.18 -17.66 18.03
CA SER B 128 18.36 -18.54 17.97
C SER B 128 18.25 -19.89 18.69
N SER B 129 17.68 -19.90 19.90
CA SER B 129 17.55 -21.10 20.73
C SER B 129 16.25 -21.92 20.51
N GLU B 130 15.46 -21.57 19.48
CA GLU B 130 14.18 -22.22 19.17
C GLU B 130 14.29 -23.74 18.92
N MET B 131 15.38 -24.16 18.27
CA MET B 131 15.70 -25.56 17.97
C MET B 131 17.23 -25.65 17.84
N PRO B 132 17.88 -26.73 18.31
CA PRO B 132 19.36 -26.79 18.25
C PRO B 132 19.91 -26.77 16.84
N GLU B 133 19.11 -27.25 15.87
CA GLU B 133 19.45 -27.24 14.44
C GLU B 133 19.64 -25.79 13.95
N LEU B 134 18.75 -24.88 14.40
CA LEU B 134 18.82 -23.45 14.07
C LEU B 134 20.00 -22.77 14.79
N THR B 135 20.23 -23.11 16.07
CA THR B 135 21.33 -22.60 16.91
C THR B 135 22.67 -22.97 16.28
N SER B 136 22.77 -24.18 15.72
CA SER B 136 23.96 -24.73 15.05
C SER B 136 24.37 -23.86 13.86
N MET B 137 23.38 -23.53 13.00
CA MET B 137 23.51 -22.71 11.81
C MET B 137 24.01 -21.31 12.18
N HIS B 138 23.50 -20.78 13.32
CA HIS B 138 23.88 -19.48 13.89
C HIS B 138 25.31 -19.58 14.43
N THR B 139 25.63 -20.67 15.18
CA THR B 139 26.96 -20.92 15.74
C THR B 139 28.00 -21.00 14.62
N LEU B 140 27.60 -21.61 13.47
CA LEU B 140 28.41 -21.73 12.26
C LEU B 140 28.77 -20.35 11.66
N LEU B 141 27.77 -19.44 11.53
CA LEU B 141 27.94 -18.11 10.93
C LEU B 141 28.78 -17.13 11.79
N LEU B 142 28.59 -17.17 13.14
CA LEU B 142 29.37 -16.36 14.10
C LEU B 142 30.84 -16.74 13.98
N ARG B 143 31.10 -18.04 13.82
CA ARG B 143 32.45 -18.55 13.64
C ARG B 143 33.05 -18.00 12.35
N GLU B 144 32.25 -17.99 11.25
CA GLU B 144 32.70 -17.47 9.96
C GLU B 144 33.07 -15.98 10.00
N HIS B 145 32.27 -15.13 10.72
CA HIS B 145 32.57 -13.70 10.87
C HIS B 145 33.99 -13.49 11.46
N ASN B 146 34.35 -14.26 12.54
CA ASN B 146 35.64 -14.20 13.24
C ASN B 146 36.73 -14.95 12.49
N ARG B 147 36.35 -15.88 11.60
CA ARG B 147 37.33 -16.59 10.77
C ARG B 147 37.76 -15.57 9.70
N LEU B 148 36.76 -14.87 9.08
CA LEU B 148 36.97 -13.85 8.05
C LEU B 148 37.73 -12.62 8.52
N ALA B 149 37.41 -12.09 9.71
CA ALA B 149 38.09 -10.91 10.27
C ALA B 149 39.50 -11.24 10.77
N THR B 150 39.76 -12.51 11.16
CA THR B 150 41.08 -13.02 11.58
C THR B 150 42.00 -13.11 10.35
N GLU B 151 41.49 -13.70 9.25
CA GLU B 151 42.16 -13.87 7.97
C GLU B 151 42.35 -12.49 7.31
N LEU B 152 41.36 -11.61 7.46
CA LEU B 152 41.39 -10.25 6.91
C LEU B 152 42.49 -9.40 7.56
N LYS B 153 42.76 -9.63 8.87
CA LYS B 153 43.80 -8.90 9.61
C LYS B 153 45.20 -9.30 9.13
N SER B 154 45.43 -10.62 8.95
CA SER B 154 46.72 -11.14 8.49
C SER B 154 47.03 -10.64 7.07
N LEU B 155 45.96 -10.27 6.32
CA LEU B 155 46.01 -9.76 4.96
C LEU B 155 46.28 -8.25 4.97
N ASN B 156 45.46 -7.47 5.70
CA ASN B 156 45.58 -6.02 5.82
C ASN B 156 45.72 -5.61 7.29
N PRO B 157 46.95 -5.61 7.86
CA PRO B 157 47.12 -5.27 9.28
C PRO B 157 46.84 -3.82 9.64
N ARG B 158 47.03 -2.89 8.69
CA ARG B 158 46.79 -1.46 8.89
C ARG B 158 45.30 -1.15 9.20
N TRP B 159 44.38 -2.03 8.77
CA TRP B 159 42.92 -1.93 8.96
C TRP B 159 42.52 -2.03 10.44
N ASP B 160 41.61 -1.13 10.87
CA ASP B 160 41.09 -1.07 12.24
C ASP B 160 39.89 -1.99 12.43
N GLY B 161 39.39 -2.09 13.66
CA GLY B 161 38.25 -2.91 14.04
C GLY B 161 36.99 -2.71 13.21
N GLU B 162 36.61 -1.45 12.96
CA GLU B 162 35.44 -1.08 12.15
C GLU B 162 35.57 -1.54 10.70
N ARG B 163 36.79 -1.49 10.15
CA ARG B 163 37.11 -1.93 8.79
C ARG B 163 37.13 -3.48 8.71
N LEU B 164 37.46 -4.14 9.83
CA LEU B 164 37.51 -5.59 9.93
C LEU B 164 36.12 -6.22 10.07
N TYR B 165 35.23 -5.59 10.87
CA TYR B 165 33.88 -6.07 11.14
C TYR B 165 32.97 -6.00 9.92
N GLN B 166 32.94 -4.83 9.27
CA GLN B 166 32.15 -4.52 8.09
C GLN B 166 32.47 -5.39 6.89
N GLU B 167 33.77 -5.53 6.56
CA GLU B 167 34.27 -6.36 5.46
C GLU B 167 33.91 -7.84 5.68
N ALA B 168 34.07 -8.35 6.94
CA ALA B 168 33.67 -9.71 7.32
C ALA B 168 32.12 -9.83 7.30
N ARG B 169 31.37 -8.72 7.56
CA ARG B 169 29.89 -8.68 7.51
C ARG B 169 29.40 -8.78 6.06
N LYS B 170 29.99 -7.97 5.17
CA LYS B 170 29.73 -7.92 3.73
C LYS B 170 29.96 -9.31 3.08
N ILE B 171 31.00 -10.06 3.53
CA ILE B 171 31.29 -11.40 3.02
C ILE B 171 30.19 -12.41 3.43
N VAL B 172 29.87 -12.46 4.74
CA VAL B 172 28.83 -13.33 5.31
C VAL B 172 27.49 -13.08 4.63
N GLY B 173 27.09 -11.81 4.53
CA GLY B 173 25.88 -11.39 3.84
C GLY B 173 25.82 -11.91 2.40
N ALA B 174 26.93 -11.74 1.64
CA ALA B 174 27.08 -12.18 0.25
C ALA B 174 26.98 -13.72 0.13
N MET B 175 27.52 -14.46 1.13
CA MET B 175 27.47 -15.92 1.20
C MET B 175 26.03 -16.41 1.38
N VAL B 176 25.26 -15.68 2.23
CA VAL B 176 23.85 -15.97 2.51
C VAL B 176 23.03 -15.79 1.22
N GLN B 177 23.31 -14.74 0.43
CA GLN B 177 22.64 -14.49 -0.86
C GLN B 177 22.99 -15.59 -1.87
N ILE B 178 24.29 -15.98 -1.93
CA ILE B 178 24.78 -17.02 -2.83
C ILE B 178 24.15 -18.38 -2.57
N ILE B 179 24.13 -18.85 -1.32
CA ILE B 179 23.51 -20.14 -0.98
C ILE B 179 22.00 -20.08 -1.26
N THR B 180 21.37 -18.99 -0.84
CA THR B 180 19.93 -18.75 -1.00
C THR B 180 19.49 -18.80 -2.45
N TYR B 181 20.08 -17.95 -3.30
CA TYR B 181 19.70 -17.76 -4.69
C TYR B 181 20.17 -18.80 -5.69
N ARG B 182 21.39 -19.31 -5.51
CA ARG B 182 21.96 -20.28 -6.41
C ARG B 182 21.60 -21.74 -6.04
N ASP B 183 21.62 -22.06 -4.75
CA ASP B 183 21.38 -23.41 -4.25
C ASP B 183 20.02 -23.65 -3.62
N TYR B 184 19.53 -22.72 -2.77
CA TYR B 184 18.27 -22.92 -2.06
C TYR B 184 17.00 -22.78 -2.92
N LEU B 185 16.74 -21.57 -3.40
CA LEU B 185 15.55 -21.20 -4.17
C LEU B 185 15.20 -22.06 -5.37
N PRO B 186 16.16 -22.45 -6.25
CA PRO B 186 15.80 -23.32 -7.40
C PRO B 186 15.15 -24.65 -6.98
N LEU B 187 15.52 -25.16 -5.79
CA LEU B 187 14.99 -26.42 -5.23
C LEU B 187 13.66 -26.24 -4.52
N VAL B 188 13.28 -24.97 -4.28
CA VAL B 188 12.00 -24.60 -3.67
C VAL B 188 11.00 -24.37 -4.80
N LEU B 189 11.37 -23.51 -5.75
CA LEU B 189 10.51 -23.08 -6.86
C LEU B 189 10.38 -24.09 -8.00
N GLY B 190 11.49 -24.77 -8.31
CA GLY B 190 11.52 -25.67 -9.43
C GLY B 190 12.00 -24.87 -10.63
N PRO B 191 12.52 -25.57 -11.66
CA PRO B 191 13.08 -24.88 -12.84
C PRO B 191 12.22 -23.82 -13.51
N THR B 192 10.93 -24.11 -13.72
CA THR B 192 9.98 -23.25 -14.42
C THR B 192 9.69 -21.95 -13.67
N ALA B 193 9.36 -22.05 -12.37
CA ALA B 193 9.08 -20.90 -11.51
C ALA B 193 10.34 -20.08 -11.30
N MET B 194 11.50 -20.76 -11.19
CA MET B 194 12.79 -20.10 -11.00
C MET B 194 13.09 -19.17 -12.17
N ARG B 195 12.81 -19.63 -13.39
CA ARG B 195 12.99 -18.89 -14.64
C ARG B 195 12.00 -17.73 -14.78
N LYS B 196 10.74 -17.95 -14.34
CA LYS B 196 9.63 -17.00 -14.42
C LYS B 196 9.80 -15.86 -13.39
N TYR B 197 9.90 -16.23 -12.10
CA TYR B 197 9.98 -15.32 -10.97
C TYR B 197 11.36 -14.75 -10.71
N LEU B 198 12.42 -15.51 -11.01
CA LEU B 198 13.79 -15.05 -10.80
C LEU B 198 14.64 -15.16 -12.08
N PRO B 199 14.34 -14.39 -13.14
CA PRO B 199 15.22 -14.41 -14.30
C PRO B 199 16.58 -13.79 -13.94
N THR B 200 17.62 -14.03 -14.75
CA THR B 200 19.00 -13.54 -14.55
C THR B 200 19.10 -12.08 -14.04
N TYR B 201 19.87 -11.87 -12.96
CA TYR B 201 20.11 -10.56 -12.37
C TYR B 201 20.69 -9.61 -13.41
N ARG B 202 20.09 -8.42 -13.57
CA ARG B 202 20.65 -7.42 -14.47
C ARG B 202 21.45 -6.45 -13.59
N SER B 203 20.77 -5.57 -12.88
CA SER B 203 21.39 -4.63 -11.93
C SER B 203 20.31 -4.10 -10.95
N TYR B 204 20.75 -3.55 -9.79
CA TYR B 204 19.83 -2.97 -8.81
C TYR B 204 19.00 -1.89 -9.48
N ASN B 205 17.71 -1.86 -9.12
CA ASN B 205 16.71 -0.88 -9.55
C ASN B 205 16.03 -0.30 -8.29
N ASP B 206 16.10 1.02 -8.18
CA ASP B 206 15.58 1.76 -7.04
C ASP B 206 14.05 1.92 -6.96
N SER B 207 13.30 1.42 -7.96
CA SER B 207 11.83 1.43 -8.01
C SER B 207 11.25 0.05 -7.60
N VAL B 208 12.14 -0.86 -7.22
CA VAL B 208 11.70 -2.17 -6.78
C VAL B 208 11.52 -2.09 -5.27
N ASP B 209 10.28 -2.26 -4.77
CA ASP B 209 10.01 -2.23 -3.34
C ASP B 209 10.62 -3.45 -2.67
N PRO B 210 11.65 -3.30 -1.79
CA PRO B 210 12.28 -4.49 -1.20
C PRO B 210 11.63 -4.98 0.10
N ARG B 211 10.43 -4.47 0.45
CA ARG B 211 9.76 -4.86 1.71
C ARG B 211 9.16 -6.26 1.68
N ILE B 212 9.03 -6.86 2.85
CA ILE B 212 8.36 -8.15 3.01
C ILE B 212 6.86 -7.87 3.00
N ALA B 213 6.11 -8.53 2.10
CA ALA B 213 4.66 -8.39 2.01
C ALA B 213 4.07 -9.19 3.15
N ASN B 214 2.96 -8.72 3.70
CA ASN B 214 2.30 -9.37 4.82
C ASN B 214 2.11 -10.90 4.58
N VAL B 215 1.54 -11.30 3.40
CA VAL B 215 1.27 -12.69 2.97
C VAL B 215 2.51 -13.58 2.96
N PHE B 216 3.71 -13.00 2.68
CA PHE B 216 4.95 -13.76 2.64
C PHE B 216 5.24 -14.38 3.98
N THR B 217 4.93 -13.66 5.06
CA THR B 217 5.13 -14.14 6.44
C THR B 217 4.34 -15.42 6.74
N ASN B 218 3.19 -15.65 6.08
CA ASN B 218 2.35 -16.85 6.27
C ASN B 218 2.64 -17.88 5.17
N ALA B 219 2.97 -17.38 3.96
CA ALA B 219 3.25 -18.23 2.82
C ALA B 219 4.59 -19.00 2.98
N PHE B 220 5.66 -18.30 3.45
CA PHE B 220 6.97 -18.94 3.65
C PHE B 220 6.96 -20.03 4.72
N ARG B 221 5.84 -20.11 5.47
CA ARG B 221 5.60 -21.11 6.48
C ARG B 221 5.35 -22.49 5.83
N TYR B 222 5.50 -22.59 4.50
CA TYR B 222 5.37 -23.84 3.73
C TYR B 222 6.41 -24.77 4.34
N GLY B 223 7.48 -24.15 4.86
CA GLY B 223 8.62 -24.80 5.49
C GLY B 223 8.20 -25.76 6.58
N HIS B 224 7.04 -25.49 7.21
CA HIS B 224 6.51 -26.34 8.27
C HIS B 224 6.22 -27.76 7.79
N THR B 225 5.87 -27.92 6.51
CA THR B 225 5.56 -29.21 5.89
C THR B 225 6.81 -30.13 5.72
N LEU B 226 8.01 -29.53 5.70
CA LEU B 226 9.32 -30.21 5.56
C LEU B 226 9.85 -30.78 6.89
N ILE B 227 9.35 -30.25 8.02
CA ILE B 227 9.77 -30.59 9.38
C ILE B 227 9.68 -32.08 9.69
N GLN B 228 10.86 -32.69 10.00
CA GLN B 228 11.01 -34.11 10.40
C GLN B 228 10.69 -34.18 11.91
N PRO B 229 10.10 -35.30 12.39
CA PRO B 229 9.69 -35.35 13.80
C PRO B 229 10.79 -35.59 14.85
N PHE B 230 12.08 -35.61 14.43
CA PHE B 230 13.20 -35.83 15.34
C PHE B 230 14.39 -34.93 15.04
N MET B 231 15.30 -34.77 16.02
CA MET B 231 16.58 -34.15 15.77
C MET B 231 17.54 -35.35 15.62
N PHE B 232 18.17 -35.47 14.44
CA PHE B 232 19.09 -36.55 14.09
C PHE B 232 20.56 -36.17 14.37
N ARG B 233 21.21 -36.86 15.34
CA ARG B 233 22.61 -36.63 15.69
C ARG B 233 23.46 -37.77 15.14
N LEU B 234 24.63 -37.45 14.53
CA LEU B 234 25.54 -38.44 13.92
C LEU B 234 26.98 -38.32 14.38
N ASP B 235 27.67 -39.47 14.46
CA ASP B 235 29.08 -39.52 14.87
C ASP B 235 30.01 -39.14 13.70
N ASN B 236 31.33 -39.11 13.94
CA ASN B 236 32.39 -38.83 12.96
C ASN B 236 32.29 -39.74 11.71
N ARG B 237 31.66 -40.93 11.85
CA ARG B 237 31.45 -41.91 10.77
C ARG B 237 30.01 -41.92 10.20
N TYR B 238 29.21 -40.87 10.54
CA TYR B 238 27.80 -40.67 10.13
C TYR B 238 26.85 -41.78 10.57
N GLN B 239 27.16 -42.40 11.72
CA GLN B 239 26.37 -43.46 12.34
C GLN B 239 25.58 -42.85 13.50
N PRO B 240 24.38 -43.39 13.86
CA PRO B 240 23.62 -42.80 14.98
C PRO B 240 24.46 -42.58 16.26
N MET B 241 24.54 -41.33 16.76
CA MET B 241 25.33 -41.01 17.95
C MET B 241 24.56 -41.22 19.25
N GLU B 242 24.96 -42.27 20.00
CA GLU B 242 24.37 -42.65 21.29
C GLU B 242 25.07 -41.88 22.42
N PRO B 243 24.37 -41.41 23.48
CA PRO B 243 22.92 -41.51 23.77
C PRO B 243 22.10 -40.43 23.07
N ASN B 244 20.79 -40.72 22.86
CA ASN B 244 19.81 -39.86 22.21
C ASN B 244 20.16 -39.52 20.72
N PRO B 245 20.10 -40.49 19.77
CA PRO B 245 20.44 -40.17 18.36
C PRO B 245 19.24 -39.75 17.49
N ARG B 246 18.02 -40.14 17.93
CA ARG B 246 16.70 -39.94 17.31
C ARG B 246 15.76 -39.31 18.39
N VAL B 247 16.13 -38.09 18.86
CA VAL B 247 15.40 -37.32 19.88
C VAL B 247 14.17 -36.58 19.29
N PRO B 248 12.95 -36.75 19.89
CA PRO B 248 11.76 -36.06 19.36
C PRO B 248 11.88 -34.54 19.50
N LEU B 249 11.40 -33.81 18.48
CA LEU B 249 11.44 -32.34 18.42
C LEU B 249 10.73 -31.68 19.62
N SER B 250 9.65 -32.31 20.16
CA SER B 250 8.89 -31.81 21.31
C SER B 250 9.73 -31.67 22.60
N ARG B 251 10.90 -32.33 22.61
CA ARG B 251 11.87 -32.27 23.69
C ARG B 251 13.14 -31.47 23.31
N VAL B 252 13.20 -30.93 22.04
CA VAL B 252 14.36 -30.15 21.56
C VAL B 252 14.15 -28.63 21.51
N PHE B 253 12.88 -28.18 21.49
CA PHE B 253 12.60 -26.74 21.40
C PHE B 253 13.13 -26.02 22.64
N PHE B 254 13.93 -24.95 22.44
CA PHE B 254 14.56 -24.16 23.51
C PHE B 254 15.57 -24.97 24.31
N ALA B 255 15.82 -26.23 23.90
CA ALA B 255 16.73 -27.12 24.60
C ALA B 255 18.19 -26.82 24.23
N SER B 256 18.64 -25.57 24.53
CA SER B 256 19.99 -25.06 24.27
C SER B 256 21.06 -25.90 24.97
N TRP B 257 20.70 -26.50 26.15
CA TRP B 257 21.59 -27.35 26.96
C TRP B 257 22.15 -28.53 26.15
N ARG B 258 21.40 -28.98 25.10
CA ARG B 258 21.81 -30.06 24.19
C ARG B 258 23.04 -29.67 23.34
N VAL B 259 23.25 -28.35 23.11
CA VAL B 259 24.40 -27.84 22.37
C VAL B 259 25.59 -27.77 23.36
N VAL B 260 25.38 -27.16 24.54
CA VAL B 260 26.37 -26.99 25.58
C VAL B 260 26.81 -28.29 26.26
N LEU B 261 25.88 -29.22 26.52
CA LEU B 261 26.22 -30.46 27.22
C LEU B 261 26.19 -31.80 26.42
N GLU B 262 25.73 -31.81 25.16
CA GLU B 262 25.62 -33.05 24.35
C GLU B 262 26.37 -33.05 22.99
N GLY B 263 27.68 -32.81 23.03
CA GLY B 263 28.56 -32.88 21.86
C GLY B 263 28.66 -31.74 20.86
N GLY B 264 28.19 -30.56 21.23
CA GLY B 264 28.28 -29.38 20.39
C GLY B 264 27.40 -29.39 19.16
N ILE B 265 27.82 -28.61 18.16
CA ILE B 265 27.09 -28.42 16.90
C ILE B 265 27.37 -29.48 15.81
N ASP B 266 28.53 -30.19 15.91
CA ASP B 266 29.00 -31.24 14.98
C ASP B 266 28.07 -32.45 14.76
N PRO B 267 27.50 -33.14 15.79
CA PRO B 267 26.55 -34.24 15.49
C PRO B 267 25.23 -33.70 14.91
N ILE B 268 24.85 -32.45 15.28
CA ILE B 268 23.66 -31.76 14.79
C ILE B 268 23.82 -31.43 13.32
N LEU B 269 24.91 -30.70 12.96
CA LEU B 269 25.23 -30.31 11.60
C LEU B 269 25.40 -31.51 10.65
N ARG B 270 25.96 -32.64 11.16
CA ARG B 270 26.14 -33.90 10.39
C ARG B 270 24.77 -34.50 10.06
N GLY B 271 23.84 -34.39 11.02
CA GLY B 271 22.48 -34.86 10.88
C GLY B 271 21.70 -34.15 9.79
N LEU B 272 21.84 -32.80 9.67
CA LEU B 272 21.10 -32.03 8.65
C LEU B 272 21.56 -32.38 7.23
N MET B 273 22.84 -32.75 7.08
CA MET B 273 23.47 -33.13 5.82
C MET B 273 23.06 -34.54 5.36
N ALA B 274 23.05 -35.51 6.29
CA ALA B 274 22.75 -36.92 5.99
C ALA B 274 21.37 -37.45 6.38
N THR B 275 20.40 -36.56 6.67
CA THR B 275 19.04 -37.03 6.99
C THR B 275 18.08 -36.45 5.96
N PRO B 276 17.19 -37.26 5.34
CA PRO B 276 16.24 -36.68 4.37
C PRO B 276 15.13 -35.85 5.01
N ALA B 277 14.77 -34.73 4.35
CA ALA B 277 13.67 -33.85 4.78
C ALA B 277 12.33 -34.60 4.69
N LYS B 278 11.30 -34.13 5.40
CA LYS B 278 10.00 -34.78 5.32
C LYS B 278 9.34 -34.27 4.05
N LEU B 279 8.79 -35.16 3.25
CA LEU B 279 8.15 -34.74 2.00
C LEU B 279 6.69 -34.36 2.27
N ASN B 280 6.20 -33.34 1.55
CA ASN B 280 4.82 -32.92 1.67
C ASN B 280 3.91 -33.73 0.72
N ARG B 281 2.94 -34.47 1.30
CA ARG B 281 1.94 -35.26 0.57
C ARG B 281 0.60 -34.76 1.07
N GLN B 282 -0.42 -34.71 0.20
CA GLN B 282 -1.75 -34.17 0.54
C GLN B 282 -2.45 -34.86 1.75
N ASN B 283 -2.02 -36.11 2.06
CA ASN B 283 -2.49 -36.99 3.15
C ASN B 283 -1.46 -37.04 4.30
N GLN B 284 -0.37 -36.24 4.18
CA GLN B 284 0.77 -36.17 5.12
C GLN B 284 1.31 -34.74 5.17
N ILE B 285 0.48 -33.75 5.52
CA ILE B 285 0.90 -32.34 5.53
C ILE B 285 1.97 -31.91 6.60
N ALA B 286 1.68 -32.10 7.91
CA ALA B 286 2.64 -31.75 8.97
C ALA B 286 2.62 -32.77 10.13
N VAL B 287 3.76 -32.94 10.77
CA VAL B 287 3.90 -33.93 11.87
C VAL B 287 3.24 -33.49 13.18
N ASP B 288 2.85 -34.47 14.03
CA ASP B 288 2.24 -34.24 15.35
C ASP B 288 3.20 -33.65 16.39
N GLU B 289 4.52 -33.69 16.13
CA GLU B 289 5.52 -33.07 17.01
C GLU B 289 5.36 -31.54 17.02
N ILE B 290 4.89 -30.96 15.90
CA ILE B 290 4.61 -29.52 15.76
C ILE B 290 3.09 -29.24 15.74
N ARG B 291 2.29 -30.25 15.38
CA ARG B 291 0.83 -30.16 15.29
C ARG B 291 0.11 -30.39 16.62
N GLU B 292 0.76 -31.10 17.57
CA GLU B 292 0.16 -31.45 18.86
C GLU B 292 1.07 -31.14 20.06
N ARG B 293 2.41 -31.07 19.84
CA ARG B 293 3.38 -30.89 20.93
C ARG B 293 4.35 -29.72 20.76
N LEU B 294 3.91 -28.64 20.05
CA LEU B 294 4.77 -27.46 19.87
C LEU B 294 4.97 -26.74 21.21
N PHE B 295 6.22 -26.79 21.73
CA PHE B 295 6.71 -26.18 22.97
C PHE B 295 6.03 -26.74 24.22
N GLU B 296 5.86 -28.09 24.26
CA GLU B 296 5.23 -28.84 25.35
C GLU B 296 5.87 -28.54 26.70
N GLN B 297 7.22 -28.55 26.73
CA GLN B 297 8.09 -28.37 27.89
C GLN B 297 8.02 -27.01 28.56
N VAL B 298 7.99 -25.95 27.75
CA VAL B 298 8.05 -24.57 28.19
C VAL B 298 6.71 -23.82 28.24
N MET B 299 5.58 -24.54 28.13
CA MET B 299 4.26 -23.91 28.11
C MET B 299 3.21 -24.73 28.81
N ARG B 300 2.10 -24.10 29.22
CA ARG B 300 0.98 -24.77 29.91
C ARG B 300 0.34 -25.86 29.07
N ILE B 301 0.37 -25.66 27.75
CA ILE B 301 -0.15 -26.58 26.74
C ILE B 301 0.78 -26.58 25.52
N GLY B 302 0.85 -27.72 24.84
CA GLY B 302 1.60 -27.83 23.60
C GLY B 302 0.71 -27.22 22.55
N LEU B 303 1.29 -26.40 21.69
CA LEU B 303 0.63 -25.68 20.62
C LEU B 303 0.50 -26.50 19.31
N ASP B 304 -0.24 -25.96 18.34
CA ASP B 304 -0.52 -26.58 17.03
C ASP B 304 -0.04 -25.59 15.97
N LEU B 305 1.22 -25.75 15.48
CA LEU B 305 1.82 -24.88 14.47
C LEU B 305 0.92 -24.66 13.20
N PRO B 306 0.43 -25.72 12.49
CA PRO B 306 -0.48 -25.48 11.35
C PRO B 306 -1.71 -24.65 11.70
N ALA B 307 -2.29 -24.82 12.92
CA ALA B 307 -3.45 -24.05 13.36
C ALA B 307 -3.06 -22.60 13.75
N LEU B 308 -1.81 -22.38 14.25
CA LEU B 308 -1.35 -21.03 14.59
C LEU B 308 -1.10 -20.26 13.30
N ASN B 309 -0.64 -20.98 12.28
CA ASN B 309 -0.40 -20.46 10.94
C ASN B 309 -1.71 -19.92 10.36
N MET B 310 -2.82 -20.67 10.53
CA MET B 310 -4.13 -20.27 10.04
C MET B 310 -4.76 -19.17 10.82
N GLN B 311 -4.60 -19.14 12.16
CA GLN B 311 -5.12 -18.05 13.02
C GLN B 311 -4.35 -16.77 12.73
N ARG B 312 -3.02 -16.87 12.54
CA ARG B 312 -2.15 -15.74 12.19
C ARG B 312 -2.58 -15.10 10.87
N SER B 313 -2.94 -15.93 9.85
CA SER B 313 -3.39 -15.36 8.58
C SER B 313 -4.68 -14.51 8.76
N ARG B 314 -5.56 -14.91 9.72
CA ARG B 314 -6.83 -14.23 10.01
C ARG B 314 -6.53 -12.95 10.84
N ASP B 315 -5.57 -13.07 11.80
CA ASP B 315 -5.11 -11.96 12.63
C ASP B 315 -4.61 -10.85 11.69
N HIS B 316 -3.80 -11.21 10.68
CA HIS B 316 -3.17 -10.33 9.69
C HIS B 316 -4.16 -9.89 8.60
N GLY B 317 -5.40 -10.35 8.73
CA GLY B 317 -6.49 -10.05 7.81
C GLY B 317 -6.19 -10.41 6.39
N LEU B 318 -5.45 -11.52 6.19
CA LEU B 318 -5.09 -11.92 4.84
C LEU B 318 -6.28 -12.48 4.07
N PRO B 319 -6.51 -11.98 2.82
CA PRO B 319 -7.57 -12.57 1.98
C PRO B 319 -7.34 -14.09 1.81
N GLY B 320 -8.41 -14.79 1.46
CA GLY B 320 -8.41 -16.24 1.28
C GLY B 320 -7.73 -16.68 0.00
N TYR B 321 -7.74 -17.99 -0.20
CA TYR B 321 -7.14 -18.72 -1.32
C TYR B 321 -7.42 -18.15 -2.70
N ASN B 322 -8.71 -18.09 -3.12
CA ASN B 322 -9.09 -17.58 -4.44
C ASN B 322 -8.65 -16.15 -4.74
N ALA B 323 -8.59 -15.28 -3.69
CA ALA B 323 -8.11 -13.90 -3.87
C ALA B 323 -6.62 -13.89 -4.28
N TRP B 324 -5.79 -14.73 -3.63
CA TRP B 324 -4.37 -14.86 -3.93
C TRP B 324 -4.12 -15.55 -5.23
N ARG B 325 -4.97 -16.54 -5.56
CA ARG B 325 -4.92 -17.25 -6.84
C ARG B 325 -5.11 -16.25 -7.97
N ARG B 326 -6.07 -15.32 -7.82
CA ARG B 326 -6.36 -14.25 -8.77
C ARG B 326 -5.19 -13.26 -8.88
N PHE B 327 -4.59 -12.89 -7.73
CA PHE B 327 -3.44 -12.00 -7.63
C PHE B 327 -2.28 -12.49 -8.47
N CYS B 328 -2.06 -13.81 -8.50
CA CYS B 328 -0.98 -14.48 -9.20
C CYS B 328 -1.22 -14.74 -10.68
N GLY B 329 -2.44 -14.49 -11.12
CA GLY B 329 -2.86 -14.75 -12.50
C GLY B 329 -3.27 -16.18 -12.69
N LEU B 330 -3.60 -16.90 -11.58
CA LEU B 330 -4.00 -18.31 -11.57
C LEU B 330 -5.53 -18.48 -11.49
N PRO B 331 -6.11 -19.55 -12.10
CA PRO B 331 -7.57 -19.73 -12.04
C PRO B 331 -8.09 -19.93 -10.61
N GLN B 332 -9.32 -19.45 -10.37
CA GLN B 332 -9.97 -19.51 -9.07
C GLN B 332 -11.14 -20.47 -9.06
N PRO B 333 -10.94 -21.72 -8.54
CA PRO B 333 -12.07 -22.69 -8.48
C PRO B 333 -13.22 -22.24 -7.59
N GLU B 334 -14.46 -22.55 -7.98
CA GLU B 334 -15.63 -22.15 -7.19
C GLU B 334 -16.29 -23.40 -6.61
N THR B 335 -16.34 -24.47 -7.41
CA THR B 335 -16.97 -25.74 -7.10
C THR B 335 -15.98 -26.78 -6.56
N VAL B 336 -16.51 -27.85 -5.96
CA VAL B 336 -15.72 -28.93 -5.41
C VAL B 336 -15.01 -29.74 -6.53
N GLY B 337 -15.68 -29.86 -7.69
CA GLY B 337 -15.15 -30.46 -8.89
C GLY B 337 -13.99 -29.63 -9.41
N GLN B 338 -14.15 -28.26 -9.47
CA GLN B 338 -13.11 -27.31 -9.92
C GLN B 338 -11.88 -27.35 -9.01
N LEU B 339 -12.07 -27.25 -7.66
CA LEU B 339 -11.01 -27.39 -6.66
C LEU B 339 -10.30 -28.77 -6.84
N GLY B 340 -11.10 -29.82 -7.05
CA GLY B 340 -10.61 -31.17 -7.28
C GLY B 340 -9.61 -31.26 -8.43
N THR B 341 -9.93 -30.56 -9.54
CA THR B 341 -9.10 -30.48 -10.75
C THR B 341 -7.81 -29.71 -10.46
N VAL B 342 -7.93 -28.54 -9.78
CA VAL B 342 -6.80 -27.68 -9.41
C VAL B 342 -5.85 -28.41 -8.44
N LEU B 343 -6.40 -29.08 -7.43
CA LEU B 343 -5.58 -29.78 -6.45
C LEU B 343 -5.14 -31.15 -6.94
N ARG B 344 -5.77 -31.69 -8.06
CA ARG B 344 -5.56 -33.04 -8.60
C ARG B 344 -5.80 -34.04 -7.42
N ASN B 345 -6.94 -33.88 -6.70
CA ASN B 345 -7.29 -34.70 -5.52
C ASN B 345 -8.69 -34.29 -5.02
N LEU B 346 -9.75 -34.96 -5.51
CA LEU B 346 -11.12 -34.64 -5.09
C LEU B 346 -11.45 -35.08 -3.64
N LYS B 347 -10.59 -35.95 -3.03
CA LYS B 347 -10.74 -36.40 -1.64
C LYS B 347 -10.47 -35.19 -0.74
N LEU B 348 -9.36 -34.48 -1.03
CA LEU B 348 -8.93 -33.27 -0.36
C LEU B 348 -9.91 -32.09 -0.66
N ALA B 349 -10.36 -31.91 -1.93
CA ALA B 349 -11.32 -30.87 -2.34
C ALA B 349 -12.61 -30.93 -1.53
N ARG B 350 -13.23 -32.13 -1.40
CA ARG B 350 -14.42 -32.40 -0.61
C ARG B 350 -14.16 -32.09 0.86
N LYS B 351 -12.91 -32.34 1.34
CA LYS B 351 -12.49 -32.12 2.73
C LYS B 351 -12.34 -30.63 2.97
N LEU B 352 -11.69 -29.94 2.01
CA LEU B 352 -11.49 -28.50 2.06
C LEU B 352 -12.83 -27.77 1.94
N MET B 353 -13.82 -28.38 1.27
CA MET B 353 -15.14 -27.79 1.16
C MET B 353 -15.96 -28.05 2.42
N GLU B 354 -15.65 -29.15 3.14
CA GLU B 354 -16.32 -29.53 4.38
C GLU B 354 -16.04 -28.47 5.46
N GLN B 355 -14.77 -28.07 5.57
CA GLN B 355 -14.33 -27.05 6.50
C GLN B 355 -14.72 -25.63 6.08
N TYR B 356 -14.19 -25.19 4.92
CA TYR B 356 -14.33 -23.84 4.39
C TYR B 356 -15.63 -23.43 3.72
N GLY B 357 -16.36 -24.39 3.19
CA GLY B 357 -17.60 -24.13 2.48
C GLY B 357 -17.39 -23.63 1.05
N THR B 358 -16.34 -22.81 0.83
CA THR B 358 -15.99 -22.19 -0.45
C THR B 358 -14.48 -22.03 -0.61
N PRO B 359 -13.92 -22.21 -1.84
CA PRO B 359 -12.47 -22.00 -2.04
C PRO B 359 -11.99 -20.57 -1.77
N ASN B 360 -12.93 -19.64 -1.61
CA ASN B 360 -12.63 -18.26 -1.29
C ASN B 360 -12.11 -18.18 0.14
N ASN B 361 -12.68 -18.99 1.09
CA ASN B 361 -12.33 -18.93 2.52
C ASN B 361 -11.12 -19.70 2.95
N ILE B 362 -10.57 -20.56 2.06
CA ILE B 362 -9.41 -21.36 2.41
C ILE B 362 -8.25 -20.44 2.85
N ASP B 363 -7.75 -20.64 4.07
CA ASP B 363 -6.64 -19.89 4.63
C ASP B 363 -5.43 -20.07 3.74
N ILE B 364 -4.73 -18.97 3.41
CA ILE B 364 -3.54 -18.96 2.53
C ILE B 364 -2.55 -20.12 2.74
N TRP B 365 -2.21 -20.44 3.99
CA TRP B 365 -1.28 -21.53 4.29
C TRP B 365 -1.92 -22.86 3.95
N MET B 366 -3.20 -23.06 4.34
CA MET B 366 -3.88 -24.32 4.09
C MET B 366 -3.98 -24.57 2.58
N GLY B 367 -4.53 -23.60 1.85
CA GLY B 367 -4.64 -23.66 0.40
C GLY B 367 -3.31 -23.85 -0.29
N GLY B 368 -2.34 -23.05 0.13
CA GLY B 368 -0.99 -23.08 -0.41
C GLY B 368 -0.34 -24.44 -0.41
N VAL B 369 -0.26 -25.06 0.78
CA VAL B 369 0.37 -26.38 0.99
C VAL B 369 -0.44 -27.61 0.47
N SER B 370 -1.71 -27.40 0.08
CA SER B 370 -2.62 -28.42 -0.46
C SER B 370 -2.40 -28.67 -1.97
N GLU B 371 -1.74 -27.73 -2.68
CA GLU B 371 -1.50 -27.82 -4.12
C GLU B 371 -0.44 -28.85 -4.49
N PRO B 372 -0.60 -29.58 -5.63
CA PRO B 372 0.46 -30.51 -6.07
C PRO B 372 1.79 -29.77 -6.27
N LEU B 373 2.93 -30.40 -5.91
CA LEU B 373 4.25 -29.78 -6.01
C LEU B 373 4.71 -29.58 -7.44
N LYS B 374 5.27 -28.39 -7.75
CA LYS B 374 5.83 -28.07 -9.06
C LYS B 374 7.03 -28.98 -9.31
N ARG B 375 7.19 -29.47 -10.55
CA ARG B 375 8.27 -30.37 -10.96
C ARG B 375 9.64 -29.84 -10.50
N LYS B 376 10.38 -30.71 -9.79
CA LYS B 376 11.71 -30.47 -9.18
C LYS B 376 11.75 -29.33 -8.15
N GLY B 377 10.57 -28.94 -7.69
CA GLY B 377 10.31 -27.92 -6.67
C GLY B 377 9.52 -28.52 -5.52
N ARG B 378 9.42 -27.77 -4.41
CA ARG B 378 8.74 -28.24 -3.21
C ARG B 378 7.47 -27.42 -2.83
N VAL B 379 7.00 -26.54 -3.75
CA VAL B 379 5.80 -25.72 -3.59
C VAL B 379 4.94 -25.83 -4.85
N GLY B 380 3.63 -25.56 -4.73
CA GLY B 380 2.69 -25.55 -5.86
C GLY B 380 2.71 -24.23 -6.62
N PRO B 381 1.85 -24.05 -7.65
CA PRO B 381 1.84 -22.76 -8.39
C PRO B 381 1.60 -21.51 -7.55
N LEU B 382 0.72 -21.58 -6.53
CA LEU B 382 0.42 -20.41 -5.70
C LEU B 382 1.59 -19.92 -4.87
N LEU B 383 2.16 -20.80 -4.00
CA LEU B 383 3.29 -20.44 -3.13
C LEU B 383 4.53 -20.07 -3.93
N ALA B 384 4.71 -20.68 -5.13
CA ALA B 384 5.85 -20.38 -6.02
C ALA B 384 5.79 -18.95 -6.45
N CYS B 385 4.56 -18.45 -6.63
CA CYS B 385 4.32 -17.07 -7.02
C CYS B 385 4.57 -16.14 -5.84
N ILE B 386 4.00 -16.44 -4.66
CA ILE B 386 4.23 -15.58 -3.50
C ILE B 386 5.73 -15.51 -3.17
N ILE B 387 6.37 -16.69 -2.99
CA ILE B 387 7.78 -16.82 -2.67
C ILE B 387 8.72 -16.22 -3.75
N GLY B 388 8.47 -16.53 -5.02
CA GLY B 388 9.28 -16.01 -6.13
C GLY B 388 9.29 -14.51 -6.25
N THR B 389 8.12 -13.87 -6.09
CA THR B 389 7.93 -12.42 -6.19
C THR B 389 8.65 -11.73 -5.06
N GLN B 390 8.54 -12.29 -3.84
CA GLN B 390 9.21 -11.72 -2.69
C GLN B 390 10.71 -11.65 -2.89
N PHE B 391 11.30 -12.78 -3.29
CA PHE B 391 12.73 -12.93 -3.49
C PHE B 391 13.32 -12.16 -4.64
N ARG B 392 12.47 -11.83 -5.64
CA ARG B 392 12.91 -11.04 -6.78
C ARG B 392 13.13 -9.64 -6.29
N LYS B 393 12.14 -9.10 -5.54
CA LYS B 393 12.16 -7.76 -4.94
C LYS B 393 13.33 -7.57 -3.97
N LEU B 394 13.63 -8.60 -3.17
CA LEU B 394 14.73 -8.65 -2.22
C LEU B 394 16.12 -8.58 -2.87
N ARG B 395 16.23 -8.99 -4.16
CA ARG B 395 17.46 -9.04 -4.96
C ARG B 395 17.56 -7.81 -5.86
N ASP B 396 16.48 -7.53 -6.61
CA ASP B 396 16.38 -6.46 -7.58
C ASP B 396 16.27 -5.08 -6.97
N GLY B 397 15.94 -5.01 -5.68
CA GLY B 397 15.77 -3.76 -4.93
C GLY B 397 16.70 -3.57 -3.75
N ASP B 398 17.83 -4.31 -3.78
CA ASP B 398 18.90 -4.30 -2.78
C ASP B 398 20.07 -3.55 -3.40
N ARG B 399 20.39 -2.35 -2.86
CA ARG B 399 21.49 -1.49 -3.34
C ARG B 399 22.82 -2.15 -3.07
N PHE B 400 22.87 -3.00 -2.04
CA PHE B 400 24.08 -3.74 -1.65
C PHE B 400 24.07 -5.19 -2.12
N TRP B 401 23.28 -5.54 -3.17
CA TRP B 401 23.28 -6.90 -3.71
C TRP B 401 24.69 -7.24 -4.21
N TRP B 402 25.23 -8.38 -3.77
CA TRP B 402 26.60 -8.83 -4.06
C TRP B 402 27.04 -8.71 -5.54
N GLU B 403 26.07 -8.71 -6.48
CA GLU B 403 26.34 -8.62 -7.92
C GLU B 403 26.09 -7.23 -8.51
N ASN B 404 25.72 -6.24 -7.68
CA ASN B 404 25.50 -4.90 -8.20
C ASN B 404 26.82 -4.18 -8.46
N GLU B 405 26.87 -3.30 -9.49
CA GLU B 405 28.08 -2.54 -9.83
C GLU B 405 28.47 -1.61 -8.68
N GLY B 406 29.71 -1.80 -8.22
CA GLY B 406 30.29 -1.05 -7.11
C GLY B 406 30.36 -1.80 -5.79
N VAL B 407 29.45 -2.77 -5.57
CA VAL B 407 29.40 -3.54 -4.32
C VAL B 407 30.70 -4.34 -4.09
N PHE B 408 31.09 -5.18 -5.07
CA PHE B 408 32.34 -5.98 -5.02
C PHE B 408 33.12 -5.75 -6.30
N SER B 409 34.44 -5.95 -6.25
CA SER B 409 35.28 -5.82 -7.45
C SER B 409 35.05 -7.10 -8.28
N MET B 410 35.29 -7.07 -9.63
CA MET B 410 35.12 -8.24 -10.52
C MET B 410 35.80 -9.51 -9.94
N GLN B 411 37.02 -9.36 -9.35
CA GLN B 411 37.81 -10.45 -8.74
C GLN B 411 37.18 -11.00 -7.46
N GLN B 412 36.64 -10.09 -6.60
CA GLN B 412 35.95 -10.46 -5.36
C GLN B 412 34.75 -11.32 -5.70
N ARG B 413 33.97 -10.89 -6.73
CA ARG B 413 32.81 -11.60 -7.27
C ARG B 413 33.21 -13.01 -7.77
N GLN B 414 34.41 -13.15 -8.37
CA GLN B 414 34.96 -14.41 -8.88
C GLN B 414 35.32 -15.31 -7.72
N ALA B 415 35.89 -14.74 -6.65
CA ALA B 415 36.28 -15.46 -5.43
C ALA B 415 35.03 -15.93 -4.67
N LEU B 416 34.04 -15.01 -4.46
CA LEU B 416 32.76 -15.26 -3.79
C LEU B 416 31.94 -16.34 -4.46
N ALA B 417 31.99 -16.40 -5.82
CA ALA B 417 31.27 -17.36 -6.64
C ALA B 417 31.64 -18.83 -6.34
N GLN B 418 32.77 -19.05 -5.67
CA GLN B 418 33.18 -20.42 -5.35
C GLN B 418 32.50 -20.99 -4.10
N ILE B 419 32.21 -20.10 -3.15
CA ILE B 419 31.74 -20.49 -1.82
C ILE B 419 30.59 -21.47 -1.92
N SER B 420 30.38 -22.25 -0.86
CA SER B 420 29.32 -23.25 -0.72
C SER B 420 29.14 -23.52 0.75
N LEU B 421 27.92 -23.95 1.17
CA LEU B 421 27.64 -24.25 2.58
C LEU B 421 28.56 -25.39 3.06
N PRO B 422 28.78 -26.48 2.25
CA PRO B 422 29.73 -27.54 2.68
C PRO B 422 31.12 -27.01 3.06
N ARG B 423 31.69 -26.09 2.26
CA ARG B 423 33.00 -25.48 2.54
C ARG B 423 33.00 -24.70 3.86
N ILE B 424 31.93 -23.88 4.11
CA ILE B 424 31.77 -23.13 5.36
C ILE B 424 31.70 -24.09 6.56
N ILE B 425 31.05 -25.28 6.41
CA ILE B 425 30.98 -26.31 7.45
C ILE B 425 32.40 -26.89 7.73
N CYS B 426 33.24 -26.98 6.68
CA CYS B 426 34.64 -27.43 6.79
C CYS B 426 35.48 -26.34 7.47
N ASP B 427 35.41 -25.10 6.95
CA ASP B 427 36.13 -23.92 7.44
C ASP B 427 35.91 -23.58 8.92
N ASN B 428 34.83 -24.08 9.57
CA ASN B 428 34.46 -23.73 10.95
C ASN B 428 34.18 -24.86 11.97
N THR B 429 34.16 -26.14 11.51
CA THR B 429 33.90 -27.28 12.40
C THR B 429 34.98 -28.38 12.32
N GLY B 430 34.76 -29.48 13.03
CA GLY B 430 35.63 -30.64 13.02
C GLY B 430 35.15 -31.69 12.03
N ILE B 431 34.10 -31.35 11.25
CA ILE B 431 33.50 -32.24 10.26
C ILE B 431 34.43 -32.29 9.05
N THR B 432 35.03 -33.48 8.82
CA THR B 432 35.98 -33.79 7.77
C THR B 432 35.31 -34.25 6.46
N THR B 433 34.10 -34.82 6.56
CA THR B 433 33.32 -35.28 5.41
C THR B 433 32.04 -34.44 5.25
N VAL B 434 32.09 -33.44 4.36
CA VAL B 434 30.98 -32.52 4.05
C VAL B 434 30.07 -33.13 2.95
N SER B 435 29.08 -32.38 2.41
CA SER B 435 28.17 -32.91 1.37
C SER B 435 28.56 -32.48 -0.05
N LYS B 436 28.35 -33.35 -1.08
CA LYS B 436 28.63 -32.94 -2.46
C LYS B 436 27.52 -31.98 -2.91
N ASN B 437 27.89 -30.85 -3.52
CA ASN B 437 26.93 -29.86 -3.99
C ASN B 437 25.92 -30.49 -4.96
N ASN B 438 24.62 -30.19 -4.86
CA ASN B 438 23.97 -29.20 -3.98
C ASN B 438 23.64 -29.78 -2.59
N ILE B 439 24.12 -29.12 -1.51
CA ILE B 439 23.90 -29.50 -0.11
C ILE B 439 22.42 -29.82 0.25
N PHE B 440 21.47 -29.07 -0.34
CA PHE B 440 20.02 -29.23 -0.11
C PHE B 440 19.38 -30.49 -0.71
N MET B 441 20.05 -31.12 -1.71
CA MET B 441 19.62 -32.36 -2.37
C MET B 441 20.36 -33.59 -1.86
N SER B 442 21.66 -33.43 -1.51
CA SER B 442 22.54 -34.47 -0.97
C SER B 442 22.08 -34.79 0.46
N ASN B 443 21.46 -35.99 0.62
CA ASN B 443 20.87 -36.46 1.88
C ASN B 443 21.31 -37.87 2.31
N SER B 444 22.15 -38.57 1.53
CA SER B 444 22.55 -39.93 1.90
C SER B 444 24.04 -40.18 2.00
N TYR B 445 24.46 -40.81 3.12
CA TYR B 445 25.84 -41.17 3.38
C TYR B 445 26.13 -42.65 3.01
N PRO B 446 27.22 -42.95 2.26
CA PRO B 446 28.27 -42.05 1.74
C PRO B 446 28.09 -41.58 0.29
N ARG B 447 27.07 -42.11 -0.41
CA ARG B 447 26.70 -41.89 -1.81
C ARG B 447 26.80 -40.43 -2.28
N ASP B 448 26.28 -39.50 -1.46
CA ASP B 448 26.25 -38.07 -1.75
C ASP B 448 27.34 -37.26 -1.04
N PHE B 449 28.24 -37.94 -0.30
CA PHE B 449 29.28 -37.26 0.47
C PHE B 449 30.68 -37.21 -0.13
N VAL B 450 31.49 -36.19 0.25
CA VAL B 450 32.87 -35.92 -0.21
C VAL B 450 33.80 -35.45 0.95
N ASN B 451 35.13 -35.43 0.71
CA ASN B 451 36.14 -35.02 1.70
C ASN B 451 36.55 -33.57 1.47
N CYS B 452 36.90 -32.86 2.56
CA CYS B 452 37.31 -31.45 2.60
C CYS B 452 38.41 -31.01 1.64
N SER B 453 39.38 -31.90 1.34
CA SER B 453 40.48 -31.59 0.44
C SER B 453 40.01 -31.28 -0.99
N THR B 454 38.88 -31.90 -1.42
CA THR B 454 38.30 -31.70 -2.75
C THR B 454 37.58 -30.36 -2.87
N LEU B 455 37.15 -29.78 -1.74
CA LEU B 455 36.43 -28.52 -1.65
C LEU B 455 37.36 -27.31 -1.70
N PRO B 456 37.21 -26.41 -2.69
CA PRO B 456 38.07 -25.22 -2.73
C PRO B 456 37.60 -24.12 -1.78
N ALA B 457 38.52 -23.64 -0.92
CA ALA B 457 38.19 -22.58 0.03
C ALA B 457 38.14 -21.21 -0.66
N LEU B 458 37.47 -20.24 -0.01
CA LEU B 458 37.34 -18.88 -0.51
C LEU B 458 38.68 -18.17 -0.34
N ASN B 459 39.24 -17.65 -1.45
CA ASN B 459 40.52 -16.94 -1.45
C ASN B 459 40.29 -15.44 -1.35
N LEU B 460 40.82 -14.82 -0.26
CA LEU B 460 40.65 -13.40 0.00
C LEU B 460 41.77 -12.50 -0.60
N ALA B 461 42.52 -13.03 -1.60
CA ALA B 461 43.59 -12.31 -2.29
C ALA B 461 43.11 -11.00 -2.95
N SER B 462 41.87 -11.01 -3.48
CA SER B 462 41.23 -9.86 -4.13
C SER B 462 40.81 -8.81 -3.12
N TRP B 463 40.89 -9.15 -1.81
CA TRP B 463 40.55 -8.24 -0.72
C TRP B 463 41.79 -7.47 -0.23
N ARG B 464 42.99 -7.82 -0.76
CA ARG B 464 44.26 -7.18 -0.40
C ARG B 464 44.31 -5.73 -0.90
N GLU B 465 44.33 -4.78 0.05
CA GLU B 465 44.36 -3.34 -0.20
C GLU B 465 45.78 -2.77 -0.15
N CYS C 1 -22.30 -5.99 8.11
CA CYS C 1 -22.49 -5.87 6.65
C CYS C 1 -23.75 -6.60 6.13
N PRO C 2 -24.81 -5.85 5.68
CA PRO C 2 -26.05 -6.51 5.20
C PRO C 2 -25.86 -7.44 4.01
N GLU C 3 -26.57 -8.59 4.03
CA GLU C 3 -26.49 -9.66 3.02
C GLU C 3 -27.11 -9.30 1.65
N GLN C 4 -28.06 -8.34 1.64
CA GLN C 4 -28.78 -7.84 0.48
C GLN C 4 -29.14 -6.40 0.76
N ASP C 5 -28.84 -5.49 -0.21
CA ASP C 5 -29.05 -4.04 -0.12
C ASP C 5 -29.36 -3.39 -1.48
N LYS C 6 -30.27 -2.37 -1.49
CA LYS C 6 -30.69 -1.69 -2.72
C LYS C 6 -29.99 -0.36 -2.96
N TYR C 7 -29.61 0.30 -1.88
CA TYR C 7 -28.95 1.60 -1.99
C TYR C 7 -27.55 1.62 -1.39
N ARG C 8 -26.79 2.62 -1.76
CA ARG C 8 -25.47 2.88 -1.25
C ARG C 8 -25.62 3.39 0.17
N THR C 9 -24.55 3.33 0.95
CA THR C 9 -24.55 3.90 2.28
C THR C 9 -24.05 5.31 2.02
N ILE C 10 -24.25 6.23 2.99
CA ILE C 10 -23.74 7.59 2.88
C ILE C 10 -22.20 7.59 2.86
N THR C 11 -21.58 6.74 3.68
CA THR C 11 -20.11 6.67 3.84
C THR C 11 -19.33 5.83 2.81
N GLY C 12 -20.03 5.03 2.01
CA GLY C 12 -19.38 4.15 1.05
C GLY C 12 -19.09 2.80 1.69
N MET C 13 -19.25 2.68 3.03
CA MET C 13 -19.01 1.46 3.77
C MET C 13 -19.88 0.40 3.13
N CYS C 14 -19.36 -0.83 2.97
CA CYS C 14 -20.08 -1.99 2.41
C CYS C 14 -20.21 -2.08 0.89
N ASN C 15 -19.59 -1.14 0.13
CA ASN C 15 -19.61 -1.26 -1.33
C ASN C 15 -18.84 -2.52 -1.71
N ASN C 16 -17.61 -2.69 -1.17
CA ASN C 16 -16.79 -3.91 -1.34
C ASN C 16 -17.04 -4.80 -0.14
N ARG C 17 -17.81 -5.86 -0.29
CA ARG C 17 -18.14 -6.74 0.82
C ARG C 17 -16.95 -7.44 1.45
N ARG C 18 -15.91 -7.78 0.66
CA ARG C 18 -14.72 -8.46 1.21
C ARG C 18 -13.88 -7.57 2.09
N SER C 19 -13.66 -6.30 1.68
CA SER C 19 -12.91 -5.27 2.40
C SER C 19 -13.84 -4.03 2.53
N PRO C 20 -14.79 -4.09 3.51
CA PRO C 20 -15.83 -3.05 3.63
C PRO C 20 -15.54 -1.57 3.72
N THR C 21 -14.28 -1.17 3.98
CA THR C 21 -13.93 0.25 4.07
C THR C 21 -13.44 0.84 2.76
N LEU C 22 -13.16 0.00 1.75
CA LEU C 22 -12.63 0.46 0.48
C LEU C 22 -13.59 1.39 -0.25
N GLY C 23 -13.18 2.64 -0.40
CA GLY C 23 -13.98 3.65 -1.07
C GLY C 23 -14.79 4.47 -0.09
N ALA C 24 -14.94 3.95 1.15
CA ALA C 24 -15.60 4.61 2.24
C ALA C 24 -14.79 5.87 2.71
N SER C 25 -15.51 6.88 3.22
CA SER C 25 -15.01 8.16 3.74
C SER C 25 -14.20 8.01 5.04
N ASN C 26 -13.32 8.98 5.33
CA ASN C 26 -12.48 9.04 6.54
C ASN C 26 -11.59 7.82 6.74
N ARG C 27 -10.83 7.52 5.70
CA ARG C 27 -9.89 6.42 5.61
C ARG C 27 -8.64 6.91 4.88
N ALA C 28 -7.53 6.19 5.02
CA ALA C 28 -6.29 6.59 4.37
C ALA C 28 -6.31 6.27 2.87
N PHE C 29 -5.71 7.17 2.06
CA PHE C 29 -5.57 6.96 0.63
C PHE C 29 -4.76 5.71 0.38
N VAL C 30 -4.92 5.15 -0.78
CA VAL C 30 -4.11 4.03 -1.21
C VAL C 30 -2.86 4.69 -1.81
N ARG C 31 -1.76 3.94 -1.92
CA ARG C 31 -0.55 4.48 -2.53
C ARG C 31 -0.16 3.63 -3.69
N TRP C 32 0.06 4.27 -4.81
CA TRP C 32 0.51 3.61 -6.01
C TRP C 32 2.02 3.51 -6.00
N LEU C 33 2.72 4.42 -5.26
CA LEU C 33 4.18 4.35 -5.06
C LEU C 33 4.56 4.56 -3.60
N PRO C 34 5.67 3.99 -3.06
CA PRO C 34 6.04 4.32 -1.67
C PRO C 34 6.35 5.81 -1.51
N ALA C 35 6.06 6.37 -0.35
CA ALA C 35 6.29 7.80 -0.09
C ALA C 35 7.79 8.18 0.02
N GLU C 36 8.11 9.41 -0.39
CA GLU C 36 9.44 10.00 -0.34
C GLU C 36 9.39 11.23 0.57
N TYR C 37 9.97 11.11 1.75
CA TYR C 37 10.06 12.14 2.76
C TYR C 37 11.52 12.32 3.07
N GLU C 38 11.86 13.48 3.67
CA GLU C 38 13.21 13.85 4.09
C GLU C 38 13.82 12.76 4.93
N ASP C 39 13.14 12.38 6.04
CA ASP C 39 13.54 11.36 7.01
C ASP C 39 13.08 9.95 6.65
N GLY C 40 12.44 9.80 5.49
CA GLY C 40 11.91 8.53 5.04
C GLY C 40 10.51 8.21 5.50
N PHE C 41 10.02 8.87 6.58
CA PHE C 41 8.70 8.60 7.15
C PHE C 41 7.71 9.75 7.40
N SER C 42 8.15 11.00 7.57
CA SER C 42 7.22 12.13 7.85
C SER C 42 7.60 13.54 7.35
N LEU C 43 8.88 13.93 7.47
CA LEU C 43 9.30 15.28 7.07
C LEU C 43 9.27 15.48 5.57
N PRO C 44 8.56 16.50 5.10
CA PRO C 44 8.49 16.74 3.64
C PRO C 44 9.79 17.32 3.08
N TYR C 45 10.13 17.05 1.82
CA TYR C 45 11.32 17.66 1.23
C TYR C 45 11.10 19.19 1.17
N GLY C 46 12.11 19.92 1.64
CA GLY C 46 12.05 21.36 1.76
C GLY C 46 11.95 21.82 3.21
N TRP C 47 11.67 20.86 4.12
CA TRP C 47 11.52 21.09 5.56
C TRP C 47 12.82 21.58 6.17
N THR C 48 13.88 20.75 6.12
CA THR C 48 15.20 21.05 6.67
C THR C 48 16.10 21.83 5.71
N PRO C 49 16.56 23.02 6.14
CA PRO C 49 17.48 23.80 5.30
C PRO C 49 18.77 23.06 5.05
N GLY C 50 19.17 23.01 3.78
CA GLY C 50 20.41 22.38 3.35
C GLY C 50 20.29 20.93 2.91
N VAL C 51 19.14 20.28 3.23
CA VAL C 51 18.88 18.88 2.89
C VAL C 51 18.40 18.71 1.44
N LYS C 52 19.33 18.19 0.59
CA LYS C 52 19.12 17.96 -0.83
C LYS C 52 18.13 16.81 -1.06
N ARG C 53 17.58 16.75 -2.28
CA ARG C 53 16.65 15.71 -2.72
C ARG C 53 17.27 15.03 -3.95
N ASN C 54 17.55 13.71 -3.84
CA ASN C 54 18.18 12.92 -4.91
C ASN C 54 19.45 13.65 -5.48
N GLY C 55 20.22 14.24 -4.56
CA GLY C 55 21.44 14.96 -4.87
C GLY C 55 21.30 16.38 -5.38
N PHE C 56 20.09 16.95 -5.29
CA PHE C 56 19.83 18.33 -5.75
C PHE C 56 19.09 19.18 -4.75
N PRO C 57 19.40 20.51 -4.64
CA PRO C 57 18.63 21.36 -3.72
C PRO C 57 17.14 21.35 -4.06
N VAL C 58 16.30 21.63 -3.06
CA VAL C 58 14.85 21.62 -3.23
C VAL C 58 14.42 23.03 -3.58
N ALA C 59 13.82 23.21 -4.75
CA ALA C 59 13.38 24.53 -5.20
C ALA C 59 12.14 24.96 -4.44
N LEU C 60 12.12 26.25 -4.01
CA LEU C 60 10.98 26.85 -3.30
C LEU C 60 9.79 26.75 -4.23
N ALA C 61 8.64 26.20 -3.74
CA ALA C 61 7.42 26.04 -4.55
C ALA C 61 6.99 27.35 -5.22
N ARG C 62 7.25 28.50 -4.51
CA ARG C 62 6.91 29.83 -4.98
C ARG C 62 7.81 30.25 -6.17
N ALA C 63 9.10 29.88 -6.10
CA ALA C 63 10.09 30.17 -7.15
C ALA C 63 9.73 29.40 -8.41
N VAL C 64 9.19 28.17 -8.25
CA VAL C 64 8.77 27.37 -9.40
C VAL C 64 7.57 28.03 -10.05
N SER C 65 6.58 28.48 -9.23
CA SER C 65 5.41 29.20 -9.70
C SER C 65 5.83 30.44 -10.48
N ASN C 66 6.71 31.28 -9.88
CA ASN C 66 7.24 32.50 -10.50
C ASN C 66 8.01 32.30 -11.79
N GLU C 67 8.82 31.23 -11.86
CA GLU C 67 9.71 31.00 -13.01
C GLU C 67 9.15 30.17 -14.16
N ILE C 68 8.14 29.32 -13.89
CA ILE C 68 7.56 28.45 -14.91
C ILE C 68 6.09 28.77 -15.15
N VAL C 69 5.30 28.94 -14.06
CA VAL C 69 3.86 29.16 -14.13
C VAL C 69 3.48 30.56 -14.57
N ARG C 70 4.07 31.63 -13.95
CA ARG C 70 3.82 33.05 -14.26
C ARG C 70 3.74 33.36 -15.75
N PHE C 71 2.72 34.14 -16.15
CA PHE C 71 2.51 34.59 -17.53
C PHE C 71 1.64 35.90 -17.60
N PRO C 72 1.77 36.73 -18.68
CA PRO C 72 0.96 37.96 -18.75
C PRO C 72 -0.50 37.62 -19.09
N THR C 73 -1.46 37.99 -18.21
CA THR C 73 -2.89 37.69 -18.37
C THR C 73 -3.46 37.92 -19.79
N ASP C 74 -2.99 38.99 -20.48
CA ASP C 74 -3.34 39.38 -21.85
C ASP C 74 -3.05 38.26 -22.88
N GLN C 75 -1.85 37.63 -22.81
CA GLN C 75 -1.35 36.56 -23.68
C GLN C 75 -2.20 35.29 -23.76
N LEU C 76 -3.22 35.17 -22.88
CA LEU C 76 -4.10 34.00 -22.70
C LEU C 76 -4.65 33.46 -24.02
N THR C 77 -4.73 32.14 -24.12
CA THR C 77 -5.28 31.46 -25.29
C THR C 77 -6.64 30.83 -24.93
N PRO C 78 -7.73 31.22 -25.61
CA PRO C 78 -9.03 30.59 -25.34
C PRO C 78 -9.11 29.21 -26.03
N ASP C 79 -9.71 28.22 -25.36
CA ASP C 79 -9.83 26.91 -25.99
C ASP C 79 -10.95 26.97 -27.02
N GLN C 80 -10.61 26.77 -28.29
CA GLN C 80 -11.55 26.75 -29.40
C GLN C 80 -12.49 25.55 -29.29
N GLU C 81 -11.98 24.46 -28.68
CA GLU C 81 -12.66 23.19 -28.52
C GLU C 81 -13.19 22.83 -27.12
N ARG C 82 -13.15 23.78 -26.14
CA ARG C 82 -13.68 23.55 -24.77
C ARG C 82 -14.44 24.74 -24.18
N SER C 83 -15.51 24.47 -23.42
CA SER C 83 -16.29 25.51 -22.72
C SER C 83 -15.74 25.66 -21.31
N LEU C 84 -16.19 26.68 -20.56
CA LEU C 84 -15.76 26.82 -19.17
C LEU C 84 -16.45 25.76 -18.28
N MET C 85 -17.57 25.19 -18.77
CA MET C 85 -18.30 24.15 -18.07
C MET C 85 -17.36 22.95 -17.88
N PHE C 86 -16.51 22.62 -18.88
CA PHE C 86 -15.48 21.58 -18.86
C PHE C 86 -14.59 21.74 -17.63
N MET C 87 -14.13 22.98 -17.35
CA MET C 87 -13.36 23.31 -16.17
C MET C 87 -14.23 23.00 -14.95
N GLN C 88 -15.39 23.68 -14.83
CA GLN C 88 -16.34 23.61 -13.71
C GLN C 88 -16.72 22.24 -13.31
N TRP C 89 -17.09 21.41 -14.27
CA TRP C 89 -17.47 20.04 -14.04
C TRP C 89 -16.31 19.28 -13.37
N GLY C 90 -15.07 19.54 -13.80
CA GLY C 90 -13.89 18.92 -13.22
C GLY C 90 -13.74 19.17 -11.74
N GLN C 91 -13.95 20.43 -11.30
CA GLN C 91 -13.88 20.79 -9.88
C GLN C 91 -15.03 20.14 -9.11
N LEU C 92 -16.26 20.17 -9.67
CA LEU C 92 -17.45 19.56 -9.05
C LEU C 92 -17.25 18.04 -8.86
N LEU C 93 -16.71 17.37 -9.89
CA LEU C 93 -16.35 15.94 -9.90
C LEU C 93 -15.22 15.66 -8.89
N ASP C 94 -14.21 16.54 -8.82
CA ASP C 94 -13.12 16.41 -7.86
C ASP C 94 -13.69 16.34 -6.42
N HIS C 95 -14.79 17.11 -6.19
CA HIS C 95 -15.49 17.29 -4.92
C HIS C 95 -16.41 16.12 -4.55
N ASP C 96 -16.55 15.17 -5.48
CA ASP C 96 -17.27 13.92 -5.30
C ASP C 96 -16.24 12.84 -4.84
N LEU C 97 -14.96 13.01 -5.26
CA LEU C 97 -13.92 12.04 -5.01
C LEU C 97 -13.03 12.25 -3.83
N ASP C 98 -12.42 13.45 -3.68
CA ASP C 98 -11.48 13.64 -2.59
C ASP C 98 -11.46 14.99 -1.91
N PHE C 99 -11.14 14.96 -0.62
CA PHE C 99 -10.96 16.12 0.24
C PHE C 99 -10.02 15.68 1.35
N THR C 100 -8.81 16.25 1.35
CA THR C 100 -7.79 15.89 2.32
C THR C 100 -7.87 16.88 3.48
N PRO C 101 -8.41 16.45 4.65
CA PRO C 101 -8.49 17.38 5.78
C PRO C 101 -7.13 17.82 6.33
N GLU C 102 -7.10 19.04 6.83
CA GLU C 102 -5.96 19.68 7.48
C GLU C 102 -6.45 20.15 8.87
N PRO C 103 -5.56 20.38 9.87
CA PRO C 103 -6.03 20.84 11.20
C PRO C 103 -6.55 22.30 11.26
N ALA C 104 -6.83 22.80 12.48
CA ALA C 104 -7.37 24.16 12.67
C ALA C 104 -6.40 25.19 13.35
N VAL D 1 1.13 27.32 17.63
CA VAL D 1 1.48 27.96 16.36
C VAL D 1 0.29 28.02 15.40
N ASN D 2 -0.09 29.26 15.02
CA ASN D 2 -1.20 29.46 14.09
C ASN D 2 -0.67 29.63 12.69
N CYS D 3 -0.88 28.62 11.85
CA CYS D 3 -0.41 28.59 10.46
C CYS D 3 -0.90 29.76 9.61
N GLU D 4 -2.12 30.23 9.87
CA GLU D 4 -2.75 31.33 9.13
C GLU D 4 -2.00 32.64 9.31
N THR D 5 -1.34 32.83 10.48
CA THR D 5 -0.64 34.07 10.87
C THR D 5 0.87 33.95 11.14
N SER D 6 1.37 32.75 11.43
CA SER D 6 2.79 32.60 11.71
C SER D 6 3.57 32.05 10.50
N CYS D 7 4.88 32.33 10.49
CA CYS D 7 5.86 31.91 9.49
C CYS D 7 6.81 30.86 10.02
N VAL D 8 6.71 30.62 11.35
CA VAL D 8 7.55 29.66 12.07
C VAL D 8 7.19 28.26 11.59
N GLN D 9 8.23 27.49 11.22
CA GLN D 9 8.05 26.11 10.77
C GLN D 9 8.15 25.19 11.98
N GLN D 10 6.99 24.98 12.61
CA GLN D 10 6.77 24.08 13.73
C GLN D 10 5.50 23.28 13.36
N PRO D 11 5.41 21.98 13.68
CA PRO D 11 4.19 21.22 13.29
C PRO D 11 2.92 21.83 13.89
N PRO D 12 1.76 21.90 13.18
CA PRO D 12 1.45 21.34 11.84
C PRO D 12 1.73 22.29 10.68
N CYS D 13 2.58 23.29 10.88
CA CYS D 13 2.87 24.28 9.86
C CYS D 13 4.01 23.90 8.96
N PHE D 14 3.82 24.14 7.66
CA PHE D 14 4.84 23.97 6.63
C PHE D 14 4.69 25.17 5.67
N PRO D 15 4.99 26.41 6.14
CA PRO D 15 4.79 27.58 5.28
C PRO D 15 5.75 27.63 4.13
N LEU D 16 5.27 28.16 3.00
CA LEU D 16 6.04 28.34 1.77
C LEU D 16 6.95 29.58 1.93
N LYS D 17 8.27 29.39 1.85
CA LYS D 17 9.28 30.43 1.98
C LYS D 17 9.24 31.41 0.80
N ILE D 18 9.67 32.68 1.04
CA ILE D 18 9.69 33.70 -0.02
C ILE D 18 11.01 33.80 -0.82
N PRO D 19 10.96 33.65 -2.18
CA PRO D 19 12.18 33.75 -2.97
C PRO D 19 12.67 35.18 -3.13
N PRO D 20 13.98 35.38 -3.40
CA PRO D 20 14.48 36.74 -3.62
C PRO D 20 13.93 37.29 -4.93
N ASN D 21 13.78 38.63 -5.02
CA ASN D 21 13.22 39.35 -6.20
C ASN D 21 11.86 38.70 -6.59
N ASP D 22 10.93 38.60 -5.62
CA ASP D 22 9.62 38.04 -5.87
C ASP D 22 8.82 39.13 -6.60
N PRO D 23 7.93 38.80 -7.58
CA PRO D 23 7.14 39.86 -8.24
C PRO D 23 6.13 40.59 -7.36
N ARG D 24 5.63 39.93 -6.28
CA ARG D 24 4.56 40.43 -5.42
C ARG D 24 4.88 40.57 -3.91
N ILE D 25 5.46 39.51 -3.28
CA ILE D 25 5.82 39.51 -1.85
C ILE D 25 7.27 39.99 -1.69
N LYS D 26 7.42 41.33 -1.53
CA LYS D 26 8.71 42.01 -1.39
C LYS D 26 9.47 41.76 -0.08
N ASN D 27 8.76 41.42 0.99
CA ASN D 27 9.39 41.10 2.27
C ASN D 27 9.67 39.59 2.32
N GLN D 28 10.94 39.21 2.54
CA GLN D 28 11.32 37.78 2.59
C GLN D 28 11.08 37.07 3.94
N ALA D 29 10.66 37.82 4.99
CA ALA D 29 10.36 37.29 6.31
C ALA D 29 8.92 36.79 6.34
N ASP D 30 8.10 37.21 5.37
CA ASP D 30 6.73 36.77 5.21
C ASP D 30 6.72 35.37 4.58
N CYS D 31 5.53 34.78 4.39
CA CYS D 31 5.38 33.43 3.83
C CYS D 31 3.96 33.22 3.30
N ILE D 32 3.78 32.13 2.54
CA ILE D 32 2.46 31.68 2.11
C ILE D 32 2.01 30.59 3.14
N PRO D 33 0.96 30.85 3.96
CA PRO D 33 0.55 29.85 4.97
C PRO D 33 0.24 28.50 4.39
N PHE D 34 0.53 27.47 5.20
CA PHE D 34 0.26 26.10 4.82
C PHE D 34 0.17 25.24 6.06
N PHE D 35 -0.90 24.45 6.13
CA PHE D 35 -1.14 23.45 7.16
C PHE D 35 -0.85 22.09 6.55
N ARG D 36 0.03 21.30 7.18
CA ARG D 36 0.31 19.92 6.74
C ARG D 36 -0.98 19.13 6.85
N SER D 37 -1.29 18.31 5.81
CA SER D 37 -2.50 17.47 5.78
C SER D 37 -2.53 16.52 6.99
N CYS D 38 -3.69 16.25 7.54
CA CYS D 38 -3.85 15.36 8.68
C CYS D 38 -3.23 14.00 8.48
N PRO D 39 -2.39 13.53 9.43
CA PRO D 39 -1.81 12.17 9.29
C PRO D 39 -2.87 11.11 9.54
N ALA D 40 -2.79 9.96 8.84
CA ALA D 40 -3.75 8.84 9.06
C ALA D 40 -3.46 8.20 10.41
N CYS D 41 -2.21 8.27 10.81
CA CYS D 41 -1.76 7.72 12.06
C CYS D 41 -1.03 8.81 12.87
N PRO D 42 -1.78 9.68 13.57
CA PRO D 42 -1.13 10.76 14.31
C PRO D 42 0.00 10.32 15.25
N GLY D 43 1.12 11.01 15.08
CA GLY D 43 2.38 10.88 15.81
C GLY D 43 3.02 9.51 15.88
N SER D 44 3.02 8.76 14.76
CA SER D 44 3.68 7.45 14.72
C SER D 44 5.13 7.58 14.24
N ASN D 45 5.98 6.67 14.72
CA ASN D 45 7.39 6.61 14.36
C ASN D 45 7.71 5.20 13.82
N ILE D 46 6.66 4.53 13.24
CA ILE D 46 6.65 3.17 12.69
C ILE D 46 6.09 3.20 11.26
N THR D 47 4.94 3.89 11.12
CA THR D 47 4.23 3.99 9.87
C THR D 47 4.76 5.12 9.00
N ILE D 48 4.71 4.93 7.66
CA ILE D 48 5.10 5.99 6.74
C ILE D 48 3.87 6.89 6.62
N ARG D 49 4.00 8.14 7.07
CA ARG D 49 2.95 9.13 7.04
C ARG D 49 2.15 9.07 5.73
N ASN D 50 0.83 9.04 5.89
CA ASN D 50 -0.16 9.03 4.83
C ASN D 50 -1.29 9.97 5.28
N GLN D 51 -2.16 10.30 4.35
CA GLN D 51 -3.19 11.28 4.56
C GLN D 51 -4.58 10.64 4.38
N ILE D 52 -5.62 11.35 4.81
CA ILE D 52 -7.01 10.88 4.80
C ILE D 52 -7.87 11.46 3.67
N ASN D 53 -8.81 10.67 3.14
CA ASN D 53 -9.82 11.14 2.21
C ASN D 53 -11.10 11.29 3.06
N ALA D 54 -11.56 12.50 3.26
CA ALA D 54 -12.75 12.76 4.06
C ALA D 54 -14.07 12.41 3.33
N LEU D 55 -13.97 11.96 2.06
CA LEU D 55 -15.13 11.65 1.21
C LEU D 55 -15.17 10.22 0.67
N THR D 56 -16.31 9.81 0.09
CA THR D 56 -16.45 8.50 -0.55
C THR D 56 -15.79 8.60 -1.93
N SER D 57 -14.87 7.68 -2.24
CA SER D 57 -14.15 7.73 -3.51
C SER D 57 -15.06 7.53 -4.70
N PHE D 58 -16.18 6.85 -4.51
CA PHE D 58 -17.15 6.55 -5.56
C PHE D 58 -17.69 7.80 -6.22
N VAL D 59 -18.25 7.64 -7.44
CA VAL D 59 -18.94 8.74 -8.10
C VAL D 59 -20.42 8.50 -7.73
N ASP D 60 -20.75 8.84 -6.46
CA ASP D 60 -22.06 8.63 -5.86
C ASP D 60 -22.76 9.94 -5.51
N ALA D 61 -22.24 11.07 -6.04
CA ALA D 61 -22.73 12.42 -5.81
C ALA D 61 -22.74 12.77 -4.32
N SER D 62 -21.65 12.41 -3.62
CA SER D 62 -21.49 12.70 -2.21
C SER D 62 -21.20 14.20 -2.03
N MET D 63 -21.03 14.94 -3.14
CA MET D 63 -20.86 16.40 -3.06
C MET D 63 -22.26 17.07 -2.98
N VAL D 64 -23.32 16.26 -3.01
CA VAL D 64 -24.73 16.66 -2.89
C VAL D 64 -25.32 16.06 -1.58
N TYR D 65 -25.08 14.75 -1.34
CA TYR D 65 -25.61 14.02 -0.19
C TYR D 65 -24.74 13.95 1.08
N GLY D 66 -23.45 14.27 1.00
CA GLY D 66 -22.52 14.14 2.12
C GLY D 66 -21.88 12.75 2.18
N SER D 67 -20.79 12.62 2.91
CA SER D 67 -20.05 11.35 3.05
C SER D 67 -20.06 10.80 4.50
N GLU D 68 -20.79 11.48 5.38
CA GLU D 68 -20.94 11.14 6.79
C GLU D 68 -22.40 11.26 7.15
N GLU D 69 -22.88 10.36 8.02
CA GLU D 69 -24.28 10.30 8.39
C GLU D 69 -24.90 11.59 9.01
N PRO D 70 -24.32 12.22 10.07
CA PRO D 70 -24.96 13.44 10.62
C PRO D 70 -25.20 14.55 9.61
N LEU D 71 -24.21 14.83 8.72
CA LEU D 71 -24.34 15.85 7.66
C LEU D 71 -25.46 15.49 6.67
N ALA D 72 -25.51 14.20 6.25
CA ALA D 72 -26.47 13.68 5.27
C ALA D 72 -27.91 13.92 5.67
N ARG D 73 -28.26 13.67 6.95
CA ARG D 73 -29.57 13.85 7.54
C ARG D 73 -29.92 15.34 7.53
N ASN D 74 -28.98 16.15 8.01
CA ASN D 74 -29.04 17.60 8.12
C ASN D 74 -29.18 18.34 6.80
N LEU D 75 -28.96 17.64 5.68
CA LEU D 75 -29.14 18.19 4.34
C LEU D 75 -30.56 17.90 3.85
N ARG D 76 -31.22 16.88 4.41
CA ARG D 76 -32.57 16.48 4.00
C ARG D 76 -33.62 17.30 4.69
N ASN D 77 -34.79 17.42 4.05
CA ASN D 77 -35.97 18.08 4.62
C ASN D 77 -36.73 16.98 5.39
N MET D 78 -36.60 16.99 6.73
CA MET D 78 -37.23 15.99 7.60
C MET D 78 -38.60 16.45 8.19
N SER D 79 -39.25 17.44 7.55
CA SER D 79 -40.53 18.00 7.97
C SER D 79 -41.71 17.28 7.33
N ASN D 80 -41.45 16.49 6.28
CA ASN D 80 -42.48 15.73 5.58
C ASN D 80 -41.92 14.42 5.03
N GLN D 81 -42.78 13.64 4.32
CA GLN D 81 -42.40 12.36 3.68
C GLN D 81 -42.20 12.55 2.14
N LEU D 82 -41.62 13.69 1.72
CA LEU D 82 -41.39 14.02 0.31
C LEU D 82 -39.98 13.72 -0.28
N GLY D 83 -39.07 13.19 0.55
CA GLY D 83 -37.71 12.81 0.17
C GLY D 83 -36.85 13.95 -0.38
N LEU D 84 -37.26 15.19 -0.10
CA LEU D 84 -36.54 16.33 -0.58
C LEU D 84 -35.28 16.61 0.24
N LEU D 85 -34.38 17.38 -0.38
CA LEU D 85 -33.17 17.91 0.21
C LEU D 85 -33.56 19.31 0.68
N ALA D 86 -33.23 19.67 1.94
CA ALA D 86 -33.55 20.97 2.54
C ALA D 86 -33.03 22.16 1.71
N VAL D 87 -33.83 23.25 1.66
CA VAL D 87 -33.53 24.47 0.89
C VAL D 87 -33.37 25.70 1.79
N ASN D 88 -32.85 26.79 1.21
CA ASN D 88 -32.67 28.08 1.88
C ASN D 88 -34.03 28.58 2.30
N GLN D 89 -34.16 28.99 3.58
CA GLN D 89 -35.45 29.50 4.06
C GLN D 89 -35.50 31.05 4.13
N ARG D 90 -34.51 31.72 3.51
CA ARG D 90 -34.40 33.18 3.49
C ARG D 90 -34.53 33.73 2.06
N PHE D 91 -33.80 33.14 1.07
CA PHE D 91 -33.79 33.62 -0.32
C PHE D 91 -34.10 32.55 -1.38
N GLN D 92 -34.60 32.99 -2.56
CA GLN D 92 -34.94 32.15 -3.72
C GLN D 92 -34.48 32.81 -5.03
N ASP D 93 -33.89 31.98 -5.96
CA ASP D 93 -33.40 32.43 -7.28
C ASP D 93 -34.56 32.43 -8.31
N ASN D 94 -35.32 33.56 -8.34
CA ASN D 94 -36.46 33.78 -9.21
C ASN D 94 -37.54 32.69 -9.04
N GLY D 95 -37.84 32.40 -7.78
CA GLY D 95 -38.81 31.39 -7.39
C GLY D 95 -38.13 30.07 -7.07
N ARG D 96 -37.13 29.73 -7.87
CA ARG D 96 -36.35 28.50 -7.79
C ARG D 96 -35.48 28.39 -6.55
N ALA D 97 -35.34 27.13 -6.05
CA ALA D 97 -34.58 26.70 -4.88
C ALA D 97 -33.12 27.14 -4.86
N LEU D 98 -32.58 27.38 -3.63
CA LEU D 98 -31.20 27.76 -3.32
C LEU D 98 -30.72 26.93 -2.11
N LEU D 99 -29.42 26.59 -2.08
CA LEU D 99 -28.80 25.80 -1.01
C LEU D 99 -29.00 26.50 0.34
N PRO D 100 -29.27 25.76 1.44
CA PRO D 100 -29.42 26.44 2.75
C PRO D 100 -28.12 27.07 3.24
N PHE D 101 -28.22 28.01 4.16
CA PHE D 101 -27.04 28.65 4.71
C PHE D 101 -26.42 27.76 5.80
N ASP D 102 -25.11 27.81 5.89
CA ASP D 102 -24.37 27.04 6.89
C ASP D 102 -24.20 27.96 8.12
N ASN D 103 -24.09 27.36 9.32
CA ASN D 103 -23.88 28.09 10.57
C ASN D 103 -22.44 27.80 11.02
N LEU D 104 -21.46 28.60 10.50
CA LEU D 104 -20.02 28.46 10.79
C LEU D 104 -19.54 29.55 11.79
N HIS D 105 -18.42 29.32 12.50
CA HIS D 105 -17.89 30.29 13.49
C HIS D 105 -17.40 31.57 12.81
N ASP D 106 -16.23 31.55 12.17
CA ASP D 106 -15.74 32.71 11.43
C ASP D 106 -16.03 32.39 9.96
N ASP D 107 -17.23 32.76 9.51
CA ASP D 107 -17.72 32.51 8.15
C ASP D 107 -16.98 33.44 7.15
N PRO D 108 -16.23 32.83 6.18
CA PRO D 108 -15.49 33.66 5.21
C PRO D 108 -16.35 34.36 4.14
N CYS D 109 -17.59 33.87 3.91
CA CYS D 109 -18.52 34.45 2.94
C CYS D 109 -19.07 35.82 3.37
N LEU D 110 -19.08 36.07 4.70
CA LEU D 110 -19.55 37.34 5.25
C LEU D 110 -18.47 38.42 5.04
N LEU D 111 -17.20 37.99 4.91
CA LEU D 111 -16.04 38.86 4.74
C LEU D 111 -15.97 39.47 3.35
N THR D 112 -16.45 38.73 2.32
CA THR D 112 -16.45 39.11 0.90
C THR D 112 -17.24 40.38 0.58
N ASN D 113 -18.16 40.78 1.49
CA ASN D 113 -19.01 41.96 1.49
C ASN D 113 -19.62 42.08 2.89
N ARG D 114 -19.06 43.04 3.65
CA ARG D 114 -19.40 43.31 5.06
C ARG D 114 -20.84 43.81 5.29
N SER D 115 -21.44 44.46 4.28
CA SER D 115 -22.81 45.00 4.34
C SER D 115 -23.88 44.04 3.76
N ALA D 116 -23.46 42.99 2.99
CA ALA D 116 -24.38 42.02 2.41
C ALA D 116 -24.90 41.04 3.44
N ARG D 117 -24.06 40.65 4.42
CA ARG D 117 -24.39 39.72 5.50
C ARG D 117 -24.95 38.40 4.96
N ILE D 118 -24.31 37.88 3.89
CA ILE D 118 -24.68 36.62 3.24
C ILE D 118 -23.64 35.55 3.59
N PRO D 119 -24.02 34.52 4.39
CA PRO D 119 -23.04 33.48 4.76
C PRO D 119 -22.82 32.40 3.71
N CYS D 120 -21.96 31.40 4.03
CA CYS D 120 -21.66 30.24 3.18
C CYS D 120 -22.87 29.36 3.06
N PHE D 121 -22.90 28.55 1.98
CA PHE D 121 -23.95 27.57 1.73
C PHE D 121 -23.61 26.21 2.31
N LEU D 122 -24.64 25.39 2.57
CA LEU D 122 -24.49 24.06 3.12
C LEU D 122 -24.85 23.03 2.03
N ALA D 123 -23.86 22.20 1.66
CA ALA D 123 -23.99 21.17 0.64
C ALA D 123 -23.32 19.87 1.10
N GLY D 124 -23.35 18.84 0.24
CA GLY D 124 -22.71 17.55 0.50
C GLY D 124 -21.23 17.68 0.82
N ASP D 125 -20.56 18.68 0.20
CA ASP D 125 -19.16 18.95 0.41
C ASP D 125 -18.89 20.38 0.85
N THR D 126 -18.06 20.53 1.94
CA THR D 126 -17.64 21.78 2.59
C THR D 126 -17.17 22.92 1.69
N ARG D 127 -16.75 22.64 0.47
CA ARG D 127 -16.22 23.65 -0.45
C ARG D 127 -17.23 24.33 -1.39
N SER D 128 -18.57 24.18 -1.14
CA SER D 128 -19.64 24.72 -2.00
C SER D 128 -19.54 26.20 -2.37
N SER D 129 -19.17 27.06 -1.38
CA SER D 129 -19.10 28.51 -1.57
C SER D 129 -17.74 29.02 -2.04
N GLU D 130 -16.83 28.13 -2.42
CA GLU D 130 -15.46 28.45 -2.87
C GLU D 130 -15.41 29.39 -4.08
N MET D 131 -16.34 29.22 -5.02
CA MET D 131 -16.50 30.06 -6.22
C MET D 131 -17.96 29.96 -6.63
N PRO D 132 -18.59 31.07 -7.12
CA PRO D 132 -20.04 31.00 -7.43
C PRO D 132 -20.36 30.04 -8.55
N GLU D 133 -19.39 29.76 -9.43
CA GLU D 133 -19.52 28.82 -10.53
C GLU D 133 -19.76 27.40 -9.96
N LEU D 134 -19.02 27.04 -8.89
CA LEU D 134 -19.15 25.76 -8.20
C LEU D 134 -20.47 25.68 -7.41
N THR D 135 -20.86 26.77 -6.73
CA THR D 135 -22.09 26.90 -5.96
C THR D 135 -23.31 26.71 -6.88
N SER D 136 -23.23 27.25 -8.12
CA SER D 136 -24.28 27.17 -9.14
C SER D 136 -24.55 25.72 -9.52
N MET D 137 -23.47 24.95 -9.76
CA MET D 137 -23.50 23.53 -10.12
C MET D 137 -24.14 22.71 -9.01
N HIS D 138 -23.85 23.07 -7.75
CA HIS D 138 -24.39 22.45 -6.54
C HIS D 138 -25.88 22.84 -6.44
N THR D 139 -26.22 24.15 -6.64
CA THR D 139 -27.62 24.66 -6.62
C THR D 139 -28.46 23.94 -7.69
N LEU D 140 -27.85 23.64 -8.85
CA LEU D 140 -28.46 22.90 -9.96
C LEU D 140 -28.81 21.45 -9.54
N LEU D 141 -27.89 20.72 -8.86
CA LEU D 141 -28.07 19.32 -8.46
C LEU D 141 -29.10 19.13 -7.34
N LEU D 142 -29.13 20.06 -6.34
CA LEU D 142 -30.12 20.04 -5.24
C LEU D 142 -31.51 20.20 -5.83
N ARG D 143 -31.64 21.03 -6.88
CA ARG D 143 -32.90 21.25 -7.58
C ARG D 143 -33.32 19.98 -8.29
N GLU D 144 -32.40 19.38 -9.09
CA GLU D 144 -32.67 18.11 -9.82
C GLU D 144 -33.15 17.01 -8.87
N HIS D 145 -32.53 16.87 -7.67
CA HIS D 145 -32.98 15.88 -6.70
C HIS D 145 -34.46 16.08 -6.35
N ASN D 146 -34.80 17.33 -5.94
CA ASN D 146 -36.12 17.74 -5.55
C ASN D 146 -37.12 17.66 -6.67
N ARG D 147 -36.68 17.82 -7.92
CA ARG D 147 -37.50 17.71 -9.13
C ARG D 147 -37.86 16.23 -9.30
N LEU D 148 -36.87 15.34 -9.10
CA LEU D 148 -37.04 13.90 -9.20
C LEU D 148 -37.92 13.37 -8.12
N ALA D 149 -37.62 13.68 -6.85
CA ALA D 149 -38.45 13.23 -5.72
C ALA D 149 -39.93 13.65 -5.86
N THR D 150 -40.19 14.87 -6.44
CA THR D 150 -41.52 15.46 -6.67
C THR D 150 -42.29 14.65 -7.75
N GLU D 151 -41.59 14.36 -8.87
CA GLU D 151 -42.08 13.59 -10.01
C GLU D 151 -42.32 12.12 -9.56
N LEU D 152 -41.47 11.57 -8.67
CA LEU D 152 -41.69 10.19 -8.20
C LEU D 152 -42.82 10.01 -7.18
N LYS D 153 -43.25 11.12 -6.53
CA LYS D 153 -44.36 11.11 -5.57
C LYS D 153 -45.68 11.18 -6.34
N SER D 154 -45.69 11.81 -7.56
CA SER D 154 -46.89 11.87 -8.41
C SER D 154 -47.10 10.55 -9.16
N LEU D 155 -46.00 9.78 -9.35
CA LEU D 155 -45.92 8.47 -10.00
C LEU D 155 -46.35 7.38 -9.03
N ASN D 156 -45.65 7.29 -7.88
CA ASN D 156 -45.86 6.28 -6.83
C ASN D 156 -46.17 6.97 -5.48
N PRO D 157 -47.44 7.37 -5.22
CA PRO D 157 -47.76 8.08 -3.97
C PRO D 157 -47.62 7.24 -2.71
N ARG D 158 -47.69 5.89 -2.83
CA ARG D 158 -47.54 4.97 -1.70
C ARG D 158 -46.12 5.06 -1.08
N TRP D 159 -45.11 5.50 -1.87
CA TRP D 159 -43.69 5.69 -1.47
C TRP D 159 -43.50 6.75 -0.42
N ASP D 160 -42.69 6.40 0.58
CA ASP D 160 -42.37 7.22 1.74
C ASP D 160 -41.22 8.26 1.50
N GLY D 161 -40.82 8.95 2.57
CA GLY D 161 -39.76 9.95 2.53
C GLY D 161 -38.39 9.34 2.32
N GLU D 162 -38.15 8.14 2.87
CA GLU D 162 -36.86 7.45 2.70
C GLU D 162 -36.71 6.93 1.26
N ARG D 163 -37.78 6.30 0.72
CA ARG D 163 -37.85 5.74 -0.63
C ARG D 163 -37.66 6.79 -1.70
N LEU D 164 -38.37 7.94 -1.58
CA LEU D 164 -38.31 9.05 -2.53
C LEU D 164 -36.92 9.68 -2.58
N TYR D 165 -36.28 9.82 -1.41
CA TYR D 165 -34.91 10.35 -1.30
C TYR D 165 -33.88 9.47 -1.98
N GLN D 166 -33.90 8.17 -1.64
CA GLN D 166 -32.97 7.18 -2.16
C GLN D 166 -33.03 7.02 -3.67
N GLU D 167 -34.28 6.90 -4.17
CA GLU D 167 -34.57 6.77 -5.59
C GLU D 167 -34.06 7.98 -6.37
N ALA D 168 -34.37 9.18 -5.88
CA ALA D 168 -33.87 10.42 -6.47
C ALA D 168 -32.33 10.58 -6.29
N ARG D 169 -31.75 9.96 -5.24
CA ARG D 169 -30.30 9.98 -4.99
C ARG D 169 -29.58 9.08 -6.01
N LYS D 170 -30.11 7.84 -6.24
CA LYS D 170 -29.61 6.84 -7.19
C LYS D 170 -29.59 7.43 -8.62
N ILE D 171 -30.62 8.26 -9.00
CA ILE D 171 -30.72 8.91 -10.31
C ILE D 171 -29.62 9.96 -10.49
N VAL D 172 -29.48 10.89 -9.50
CA VAL D 172 -28.47 11.93 -9.49
C VAL D 172 -27.06 11.34 -9.61
N GLY D 173 -26.74 10.35 -8.79
CA GLY D 173 -25.46 9.65 -8.86
C GLY D 173 -25.18 9.04 -10.23
N ALA D 174 -26.21 8.40 -10.82
CA ALA D 174 -26.11 7.79 -12.15
C ALA D 174 -25.86 8.85 -13.23
N MET D 175 -26.49 10.06 -13.09
CA MET D 175 -26.33 11.20 -14.00
C MET D 175 -24.90 11.74 -13.93
N VAL D 176 -24.32 11.80 -12.72
CA VAL D 176 -22.95 12.25 -12.48
C VAL D 176 -21.98 11.27 -13.17
N GLN D 177 -22.22 9.94 -13.08
CA GLN D 177 -21.39 8.93 -13.74
C GLN D 177 -21.51 9.07 -15.28
N ILE D 178 -22.74 9.28 -15.80
CA ILE D 178 -23.03 9.42 -17.22
C ILE D 178 -22.32 10.63 -17.84
N ILE D 179 -22.44 11.81 -17.22
CA ILE D 179 -21.78 13.02 -17.73
C ILE D 179 -20.26 12.85 -17.66
N THR D 180 -19.79 12.35 -16.51
CA THR D 180 -18.37 12.12 -16.25
C THR D 180 -17.72 11.19 -17.26
N TYR D 181 -18.25 9.98 -17.40
CA TYR D 181 -17.68 8.91 -18.22
C TYR D 181 -17.93 9.00 -19.72
N ARG D 182 -19.11 9.45 -20.13
CA ARG D 182 -19.47 9.56 -21.54
C ARG D 182 -19.04 10.88 -22.17
N ASP D 183 -19.21 12.00 -21.45
CA ASP D 183 -18.97 13.34 -21.95
C ASP D 183 -17.70 13.99 -21.44
N TYR D 184 -17.42 13.89 -20.11
CA TYR D 184 -16.26 14.56 -19.53
C TYR D 184 -14.90 13.96 -19.86
N LEU D 185 -14.66 12.73 -19.36
CA LEU D 185 -13.39 12.01 -19.47
C LEU D 185 -12.83 11.88 -20.87
N PRO D 186 -13.60 11.52 -21.92
CA PRO D 186 -13.01 11.42 -23.26
C PRO D 186 -12.33 12.71 -23.75
N LEU D 187 -12.83 13.88 -23.30
CA LEU D 187 -12.30 15.22 -23.65
C LEU D 187 -11.10 15.62 -22.79
N VAL D 188 -10.86 14.85 -21.70
CA VAL D 188 -9.73 15.04 -20.79
C VAL D 188 -8.60 14.15 -21.31
N LEU D 189 -8.88 12.85 -21.49
CA LEU D 189 -7.90 11.84 -21.87
C LEU D 189 -7.54 11.83 -23.35
N GLY D 190 -8.53 12.06 -24.19
CA GLY D 190 -8.33 11.96 -25.63
C GLY D 190 -8.70 10.55 -26.03
N PRO D 191 -9.00 10.35 -27.34
CA PRO D 191 -9.43 9.02 -27.81
C PRO D 191 -8.57 7.81 -27.45
N THR D 192 -7.25 7.93 -27.61
CA THR D 192 -6.28 6.87 -27.36
C THR D 192 -6.19 6.46 -25.90
N ALA D 193 -6.05 7.42 -24.98
CA ALA D 193 -5.99 7.17 -23.54
C ALA D 193 -7.31 6.64 -23.02
N MET D 194 -8.42 7.16 -23.59
CA MET D 194 -9.77 6.74 -23.20
C MET D 194 -9.95 5.25 -23.47
N ARG D 195 -9.48 4.79 -24.63
CA ARG D 195 -9.54 3.39 -25.06
C ARG D 195 -8.61 2.49 -24.24
N LYS D 196 -7.41 3.00 -23.89
CA LYS D 196 -6.36 2.29 -23.14
C LYS D 196 -6.75 2.12 -21.68
N TYR D 197 -7.02 3.24 -20.98
CA TYR D 197 -7.32 3.30 -19.56
C TYR D 197 -8.77 2.98 -19.20
N LEU D 198 -9.71 3.32 -20.07
CA LEU D 198 -11.11 3.04 -19.83
C LEU D 198 -11.75 2.26 -20.97
N PRO D 199 -11.36 0.97 -21.19
CA PRO D 199 -12.05 0.17 -22.21
C PRO D 199 -13.50 -0.07 -21.77
N THR D 200 -14.39 -0.46 -22.71
CA THR D 200 -15.81 -0.77 -22.48
C THR D 200 -16.10 -1.54 -21.15
N TYR D 201 -17.04 -1.00 -20.36
CA TYR D 201 -17.45 -1.62 -19.10
C TYR D 201 -17.94 -3.02 -19.32
N ARG D 202 -17.41 -3.98 -18.56
CA ARG D 202 -17.92 -5.36 -18.66
C ARG D 202 -18.88 -5.54 -17.47
N SER D 203 -18.33 -5.70 -16.26
CA SER D 203 -19.11 -5.80 -15.04
C SER D 203 -18.28 -5.46 -13.80
N TYR D 204 -18.99 -5.26 -12.68
CA TYR D 204 -18.39 -5.04 -11.37
C TYR D 204 -17.36 -6.18 -11.08
N ASN D 205 -16.31 -5.79 -10.36
CA ASN D 205 -15.19 -6.64 -9.98
C ASN D 205 -14.84 -6.34 -8.55
N ASP D 206 -15.07 -7.28 -7.66
CA ASP D 206 -14.80 -7.04 -6.22
C ASP D 206 -13.32 -7.03 -5.82
N SER D 207 -12.45 -7.43 -6.75
CA SER D 207 -11.00 -7.45 -6.62
C SER D 207 -10.37 -6.17 -7.15
N VAL D 208 -11.21 -5.21 -7.61
CA VAL D 208 -10.76 -3.90 -8.07
C VAL D 208 -10.89 -2.92 -6.90
N ASP D 209 -9.73 -2.33 -6.46
CA ASP D 209 -9.63 -1.36 -5.37
C ASP D 209 -10.22 -0.02 -5.78
N PRO D 210 -11.34 0.43 -5.16
CA PRO D 210 -11.94 1.68 -5.60
C PRO D 210 -11.43 2.93 -4.89
N ARG D 211 -10.33 2.83 -4.12
CA ARG D 211 -9.83 4.00 -3.38
C ARG D 211 -9.16 5.06 -4.24
N ILE D 212 -9.15 6.31 -3.75
CA ILE D 212 -8.42 7.41 -4.38
C ILE D 212 -6.95 7.25 -3.95
N ALA D 213 -6.01 7.13 -4.93
CA ALA D 213 -4.57 7.05 -4.67
C ALA D 213 -4.11 8.45 -4.30
N ASN D 214 -3.17 8.53 -3.36
CA ASN D 214 -2.63 9.78 -2.88
C ASN D 214 -2.31 10.76 -4.04
N VAL D 215 -1.58 10.26 -5.07
CA VAL D 215 -1.14 11.01 -6.24
C VAL D 215 -2.29 11.66 -6.98
N PHE D 216 -3.43 10.97 -7.09
CA PHE D 216 -4.57 11.47 -7.83
C PHE D 216 -5.02 12.83 -7.32
N THR D 217 -4.94 13.03 -6.00
CA THR D 217 -5.33 14.28 -5.33
C THR D 217 -4.54 15.48 -5.84
N ASN D 218 -3.32 15.23 -6.31
CA ASN D 218 -2.44 16.28 -6.82
C ASN D 218 -2.53 16.34 -8.33
N ALA D 219 -2.59 15.19 -8.96
CA ALA D 219 -2.65 15.04 -10.41
C ALA D 219 -3.94 15.65 -11.00
N PHE D 220 -5.11 15.39 -10.38
CA PHE D 220 -6.38 15.92 -10.88
C PHE D 220 -6.47 17.47 -10.80
N ARG D 221 -5.52 18.08 -10.11
CA ARG D 221 -5.37 19.52 -10.00
C ARG D 221 -4.90 20.11 -11.35
N TYR D 222 -4.80 19.28 -12.43
CA TYR D 222 -4.47 19.72 -13.79
C TYR D 222 -5.52 20.76 -14.14
N GLY D 223 -6.70 20.60 -13.52
CA GLY D 223 -7.86 21.46 -13.70
C GLY D 223 -7.57 22.91 -13.48
N HIS D 224 -6.56 23.18 -12.61
CA HIS D 224 -6.14 24.55 -12.32
C HIS D 224 -5.65 25.30 -13.56
N THR D 225 -5.09 24.56 -14.56
CA THR D 225 -4.60 25.14 -15.81
C THR D 225 -5.70 25.65 -16.75
N LEU D 226 -6.95 25.15 -16.59
CA LEU D 226 -8.14 25.50 -17.37
C LEU D 226 -8.83 26.81 -16.88
N ILE D 227 -8.57 27.19 -15.62
CA ILE D 227 -9.15 28.33 -14.93
C ILE D 227 -8.97 29.66 -15.68
N GLN D 228 -10.12 30.31 -16.06
CA GLN D 228 -10.16 31.62 -16.72
C GLN D 228 -10.07 32.68 -15.64
N PRO D 229 -9.46 33.87 -15.89
CA PRO D 229 -9.29 34.84 -14.80
C PRO D 229 -10.52 35.66 -14.38
N PHE D 230 -11.71 35.35 -14.92
CA PHE D 230 -12.95 36.06 -14.58
C PHE D 230 -14.12 35.11 -14.44
N MET D 231 -15.17 35.60 -13.78
CA MET D 231 -16.45 34.91 -13.75
C MET D 231 -17.28 35.65 -14.81
N PHE D 232 -17.69 34.93 -15.86
CA PHE D 232 -18.45 35.46 -16.99
C PHE D 232 -19.96 35.28 -16.78
N ARG D 233 -20.68 36.39 -16.55
CA ARG D 233 -22.13 36.34 -16.37
C ARG D 233 -22.82 36.85 -17.64
N LEU D 234 -23.75 36.06 -18.21
CA LEU D 234 -24.47 36.43 -19.45
C LEU D 234 -26.02 36.49 -19.27
N ASP D 235 -26.67 37.44 -19.98
CA ASP D 235 -28.12 37.62 -19.92
C ASP D 235 -28.91 36.61 -20.77
N ASN D 236 -30.26 36.72 -20.79
CA ASN D 236 -31.22 35.88 -21.53
C ASN D 236 -30.84 35.69 -23.01
N ARG D 237 -30.14 36.69 -23.61
CA ARG D 237 -29.69 36.70 -25.01
C ARG D 237 -28.19 36.38 -25.20
N TYR D 238 -27.54 35.87 -24.13
CA TYR D 238 -26.12 35.50 -24.07
C TYR D 238 -25.14 36.65 -24.35
N GLN D 239 -25.57 37.87 -24.00
CA GLN D 239 -24.79 39.10 -24.12
C GLN D 239 -24.27 39.47 -22.73
N PRO D 240 -23.12 40.15 -22.59
CA PRO D 240 -22.60 40.46 -21.25
C PRO D 240 -23.64 41.11 -20.32
N MET D 241 -23.89 40.51 -19.13
CA MET D 241 -24.88 41.02 -18.18
C MET D 241 -24.32 42.07 -17.24
N GLU D 242 -24.76 43.32 -17.44
CA GLU D 242 -24.37 44.48 -16.65
C GLU D 242 -25.27 44.62 -15.42
N PRO D 243 -24.76 45.05 -14.23
CA PRO D 243 -23.38 45.43 -13.89
C PRO D 243 -22.52 44.21 -13.55
N ASN D 244 -21.18 44.36 -13.70
CA ASN D 244 -20.17 43.32 -13.43
C ASN D 244 -20.33 42.04 -14.32
N PRO D 245 -20.06 42.11 -15.65
CA PRO D 245 -20.19 40.91 -16.49
C PRO D 245 -18.91 40.06 -16.64
N ARG D 246 -17.73 40.63 -16.27
CA ARG D 246 -16.37 40.04 -16.31
C ARG D 246 -15.70 40.31 -14.95
N VAL D 247 -16.22 39.70 -13.90
CA VAL D 247 -15.74 39.86 -12.53
C VAL D 247 -14.42 39.10 -12.35
N PRO D 248 -13.37 39.72 -11.81
CA PRO D 248 -12.14 38.94 -11.56
C PRO D 248 -12.41 37.91 -10.47
N LEU D 249 -11.84 36.68 -10.64
CA LEU D 249 -11.98 35.56 -9.71
C LEU D 249 -11.52 35.91 -8.27
N SER D 250 -10.47 36.80 -8.13
CA SER D 250 -9.93 37.25 -6.84
C SER D 250 -10.96 37.97 -5.95
N ARG D 251 -12.06 38.42 -6.57
CA ARG D 251 -13.19 39.06 -5.90
C ARG D 251 -14.44 38.16 -5.85
N VAL D 252 -14.37 36.94 -6.44
CA VAL D 252 -15.49 35.97 -6.43
C VAL D 252 -15.35 34.76 -5.46
N PHE D 253 -14.14 34.51 -4.91
CA PHE D 253 -13.97 33.40 -3.97
C PHE D 253 -14.75 33.65 -2.69
N PHE D 254 -15.58 32.67 -2.26
CA PHE D 254 -16.43 32.77 -1.07
C PHE D 254 -17.48 33.88 -1.18
N ALA D 255 -17.56 34.54 -2.36
CA ALA D 255 -18.49 35.62 -2.60
C ALA D 255 -19.88 35.08 -2.93
N SER D 256 -20.46 34.32 -1.96
CA SER D 256 -21.81 33.72 -2.03
C SER D 256 -22.92 34.78 -2.24
N TRP D 257 -22.70 36.02 -1.71
CA TRP D 257 -23.61 37.15 -1.85
C TRP D 257 -23.93 37.45 -3.31
N ARG D 258 -23.01 37.05 -4.22
CA ARG D 258 -23.12 37.22 -5.67
C ARG D 258 -24.18 36.33 -6.31
N VAL D 259 -24.56 35.24 -5.61
CA VAL D 259 -25.61 34.33 -6.03
C VAL D 259 -26.93 34.88 -5.48
N VAL D 260 -26.94 35.23 -4.18
CA VAL D 260 -28.13 35.76 -3.50
C VAL D 260 -28.54 37.18 -3.97
N LEU D 261 -27.58 38.07 -4.20
CA LEU D 261 -27.91 39.46 -4.58
C LEU D 261 -27.58 39.90 -6.01
N GLU D 262 -26.92 39.04 -6.81
CA GLU D 262 -26.59 39.36 -8.21
C GLU D 262 -27.14 38.31 -9.21
N GLY D 263 -28.45 38.40 -9.48
CA GLY D 263 -29.21 37.62 -10.44
C GLY D 263 -29.26 36.11 -10.42
N GLY D 264 -28.96 35.49 -9.29
CA GLY D 264 -29.02 34.04 -9.15
C GLY D 264 -27.95 33.27 -9.89
N ILE D 265 -28.23 31.98 -10.13
CA ILE D 265 -27.31 31.03 -10.76
C ILE D 265 -27.37 31.04 -12.30
N ASP D 266 -28.47 31.56 -12.84
CA ASP D 266 -28.74 31.65 -14.26
C ASP D 266 -27.71 32.38 -15.12
N PRO D 267 -27.26 33.63 -14.79
CA PRO D 267 -26.22 34.26 -15.63
C PRO D 267 -24.86 33.58 -15.48
N ILE D 268 -24.62 32.95 -14.32
CA ILE D 268 -23.40 32.19 -14.02
C ILE D 268 -23.34 30.93 -14.92
N LEU D 269 -24.39 30.10 -14.87
CA LEU D 269 -24.53 28.88 -15.65
C LEU D 269 -24.48 29.12 -17.17
N ARG D 270 -25.01 30.30 -17.63
CA ARG D 270 -25.02 30.74 -19.02
C ARG D 270 -23.60 31.06 -19.48
N GLY D 271 -22.79 31.56 -18.56
CA GLY D 271 -21.40 31.87 -18.77
C GLY D 271 -20.53 30.65 -18.96
N LEU D 272 -20.74 29.58 -18.17
CA LEU D 272 -19.92 28.35 -18.31
C LEU D 272 -20.15 27.65 -19.65
N MET D 273 -21.37 27.77 -20.20
CA MET D 273 -21.77 27.17 -21.48
C MET D 273 -21.20 27.93 -22.67
N ALA D 274 -21.28 29.28 -22.65
CA ALA D 274 -20.83 30.15 -23.76
C ALA D 274 -19.47 30.86 -23.61
N THR D 275 -18.64 30.45 -22.66
CA THR D 275 -17.31 31.04 -22.52
C THR D 275 -16.25 29.96 -22.72
N PRO D 276 -15.22 30.17 -23.58
CA PRO D 276 -14.19 29.12 -23.75
C PRO D 276 -13.28 28.97 -22.55
N ALA D 277 -12.91 27.74 -22.22
CA ALA D 277 -11.96 27.41 -21.15
C ALA D 277 -10.59 28.04 -21.44
N LYS D 278 -9.74 28.20 -20.42
CA LYS D 278 -8.39 28.72 -20.70
C LYS D 278 -7.57 27.52 -21.17
N LEU D 279 -6.87 27.65 -22.27
CA LEU D 279 -6.08 26.54 -22.77
C LEU D 279 -4.71 26.49 -22.09
N ASN D 280 -4.22 25.27 -21.83
CA ASN D 280 -2.92 25.08 -21.23
C ASN D 280 -1.82 25.03 -22.30
N ARG D 281 -0.90 26.00 -22.24
CA ARG D 281 0.27 26.13 -23.11
C ARG D 281 1.47 26.18 -22.18
N GLN D 282 2.59 25.62 -22.60
CA GLN D 282 3.82 25.53 -21.81
C GLN D 282 4.37 26.89 -21.30
N ASN D 283 3.99 28.00 -21.99
CA ASN D 283 4.36 29.40 -21.72
C ASN D 283 3.14 30.17 -21.11
N GLN D 284 2.05 29.44 -20.82
CA GLN D 284 0.78 29.98 -20.29
C GLN D 284 0.11 28.95 -19.36
N ILE D 285 0.81 28.49 -18.31
CA ILE D 285 0.30 27.45 -17.41
C ILE D 285 -0.95 27.79 -16.53
N ALA D 286 -0.87 28.81 -15.66
CA ALA D 286 -1.99 29.21 -14.77
C ALA D 286 -2.03 30.71 -14.59
N VAL D 287 -3.25 31.26 -14.43
CA VAL D 287 -3.45 32.71 -14.29
C VAL D 287 -3.02 33.28 -12.94
N ASP D 288 -2.67 34.57 -12.91
CA ASP D 288 -2.29 35.31 -11.69
C ASP D 288 -3.45 35.55 -10.71
N GLU D 289 -4.71 35.36 -11.15
CA GLU D 289 -5.88 35.46 -10.25
C GLU D 289 -5.85 34.33 -9.18
N ILE D 290 -5.26 33.15 -9.55
CA ILE D 290 -5.07 32.01 -8.65
C ILE D 290 -3.61 31.85 -8.22
N ARG D 291 -2.68 32.39 -9.02
CA ARG D 291 -1.24 32.32 -8.77
C ARG D 291 -0.72 33.43 -7.84
N GLU D 292 -1.45 34.57 -7.74
CA GLU D 292 -1.05 35.76 -6.97
C GLU D 292 -2.13 36.26 -6.04
N ARG D 293 -3.40 36.00 -6.35
CA ARG D 293 -4.52 36.55 -5.61
C ARG D 293 -5.53 35.54 -5.11
N LEU D 294 -5.09 34.27 -4.83
CA LEU D 294 -6.00 33.24 -4.30
C LEU D 294 -6.44 33.60 -2.87
N PHE D 295 -7.75 33.94 -2.73
CA PHE D 295 -8.46 34.28 -1.51
C PHE D 295 -7.94 35.54 -0.83
N GLU D 296 -7.59 36.58 -1.63
CA GLU D 296 -7.09 37.83 -1.05
C GLU D 296 -8.08 38.56 -0.13
N GLN D 297 -9.38 38.45 -0.41
CA GLN D 297 -10.43 39.09 0.38
C GLN D 297 -10.55 38.54 1.80
N VAL D 298 -10.49 37.23 1.93
CA VAL D 298 -10.71 36.51 3.19
C VAL D 298 -9.46 36.04 3.93
N MET D 299 -8.27 36.55 3.55
CA MET D 299 -7.01 36.12 4.14
C MET D 299 -6.01 37.24 4.26
N ARG D 300 -5.03 37.09 5.17
CA ARG D 300 -3.99 38.10 5.39
C ARG D 300 -3.16 38.40 4.14
N ILE D 301 -3.04 37.38 3.25
CA ILE D 301 -2.28 37.45 1.99
C ILE D 301 -3.00 36.63 0.89
N GLY D 302 -2.84 37.06 -0.36
CA GLY D 302 -3.36 36.32 -1.49
C GLY D 302 -2.41 35.18 -1.76
N LEU D 303 -2.93 33.91 -1.68
CA LEU D 303 -2.19 32.64 -1.88
C LEU D 303 -1.81 32.35 -3.35
N ASP D 304 -0.99 31.28 -3.57
CA ASP D 304 -0.49 30.88 -4.88
C ASP D 304 -0.89 29.42 -5.08
N LEU D 305 -2.04 29.16 -5.74
CA LEU D 305 -2.55 27.81 -6.01
C LEU D 305 -1.48 26.85 -6.65
N PRO D 306 -0.82 27.19 -7.81
CA PRO D 306 0.22 26.29 -8.34
C PRO D 306 1.31 25.94 -7.31
N ALA D 307 1.72 26.91 -6.45
CA ALA D 307 2.74 26.68 -5.43
C ALA D 307 2.21 25.85 -4.27
N LEU D 308 0.89 25.96 -3.96
CA LEU D 308 0.34 25.14 -2.88
C LEU D 308 0.29 23.72 -3.35
N ASN D 309 -0.08 23.55 -4.63
CA ASN D 309 -0.16 22.27 -5.32
C ASN D 309 1.16 21.54 -5.16
N MET D 310 2.29 22.25 -5.36
CA MET D 310 3.63 21.69 -5.25
C MET D 310 4.06 21.41 -3.83
N GLN D 311 3.70 22.27 -2.86
CA GLN D 311 4.00 22.07 -1.43
C GLN D 311 3.18 20.90 -0.91
N ARG D 312 1.92 20.78 -1.34
CA ARG D 312 1.05 19.66 -0.97
C ARG D 312 1.60 18.32 -1.45
N SER D 313 2.14 18.28 -2.67
CA SER D 313 2.73 17.03 -3.18
C SER D 313 3.89 16.58 -2.31
N ARG D 314 4.62 17.56 -1.73
CA ARG D 314 5.77 17.32 -0.85
C ARG D 314 5.31 16.94 0.55
N ASP D 315 4.27 17.58 1.04
CA ASP D 315 3.64 17.26 2.33
C ASP D 315 3.22 15.79 2.29
N HIS D 316 2.58 15.36 1.17
CA HIS D 316 2.04 14.01 0.93
C HIS D 316 3.16 13.00 0.58
N GLY D 317 4.39 13.49 0.54
CA GLY D 317 5.58 12.72 0.24
C GLY D 317 5.51 12.02 -1.08
N LEU D 318 4.92 12.69 -2.08
CA LEU D 318 4.79 12.06 -3.39
C LEU D 318 6.11 12.03 -4.15
N PRO D 319 6.48 10.85 -4.70
CA PRO D 319 7.69 10.78 -5.54
C PRO D 319 7.64 11.79 -6.70
N GLY D 320 8.79 12.14 -7.24
CA GLY D 320 8.89 13.10 -8.33
C GLY D 320 8.46 12.56 -9.67
N TYR D 321 8.59 13.41 -10.68
CA TYR D 321 8.24 13.19 -12.09
C TYR D 321 8.70 11.87 -12.69
N ASN D 322 10.03 11.61 -12.76
CA ASN D 322 10.57 10.37 -13.33
C ASN D 322 10.08 9.09 -12.68
N ALA D 323 9.79 9.12 -11.36
CA ALA D 323 9.24 7.95 -10.65
C ALA D 323 7.86 7.59 -11.19
N TRP D 324 7.00 8.59 -11.40
CA TRP D 324 5.64 8.42 -11.93
C TRP D 324 5.66 8.06 -13.38
N ARG D 325 6.60 8.64 -14.15
CA ARG D 325 6.80 8.33 -15.56
C ARG D 325 7.09 6.84 -15.71
N ARG D 326 7.96 6.30 -14.83
CA ARG D 326 8.32 4.88 -14.78
C ARG D 326 7.12 4.00 -14.40
N PHE D 327 6.35 4.44 -13.40
CA PHE D 327 5.13 3.78 -12.91
C PHE D 327 4.14 3.52 -14.05
N CYS D 328 4.02 4.48 -14.97
CA CYS D 328 3.11 4.47 -16.11
C CYS D 328 3.62 3.71 -17.34
N GLY D 329 4.88 3.30 -17.32
CA GLY D 329 5.53 2.61 -18.43
C GLY D 329 6.03 3.60 -19.46
N LEU D 330 6.27 4.87 -19.04
CA LEU D 330 6.75 5.97 -19.90
C LEU D 330 8.25 6.21 -19.69
N PRO D 331 9.00 6.63 -20.75
CA PRO D 331 10.45 6.90 -20.59
C PRO D 331 10.74 8.01 -19.58
N GLN D 332 11.89 7.88 -18.89
CA GLN D 332 12.30 8.83 -17.86
C GLN D 332 13.53 9.61 -18.29
N PRO D 333 13.35 10.86 -18.76
CA PRO D 333 14.51 11.68 -19.17
C PRO D 333 15.48 11.96 -18.01
N GLU D 334 16.78 11.98 -18.29
CA GLU D 334 17.79 12.27 -17.27
C GLU D 334 18.44 13.63 -17.54
N THR D 335 18.68 13.89 -18.82
CA THR D 335 19.36 15.07 -19.32
C THR D 335 18.39 16.15 -19.78
N VAL D 336 18.91 17.37 -19.95
CA VAL D 336 18.12 18.52 -20.37
C VAL D 336 17.65 18.36 -21.83
N GLY D 337 18.45 17.61 -22.60
CA GLY D 337 18.18 17.28 -23.99
C GLY D 337 17.03 16.31 -24.04
N GLN D 338 17.11 15.26 -23.18
CA GLN D 338 16.09 14.21 -23.06
C GLN D 338 14.76 14.81 -22.64
N LEU D 339 14.74 15.63 -21.56
CA LEU D 339 13.55 16.36 -21.07
C LEU D 339 12.99 17.26 -22.22
N GLY D 340 13.90 17.93 -22.94
CA GLY D 340 13.58 18.76 -24.09
C GLY D 340 12.79 18.01 -25.15
N THR D 341 13.20 16.77 -25.45
CA THR D 341 12.54 15.88 -26.42
C THR D 341 11.14 15.47 -25.89
N VAL D 342 11.07 15.06 -24.62
CA VAL D 342 9.83 14.64 -23.96
C VAL D 342 8.83 15.82 -23.90
N LEU D 343 9.32 17.05 -23.62
CA LEU D 343 8.46 18.23 -23.51
C LEU D 343 8.24 18.94 -24.84
N ARG D 344 8.99 18.51 -25.89
CA ARG D 344 9.02 19.09 -27.25
C ARG D 344 9.38 20.57 -27.15
N ASN D 345 10.09 20.91 -26.06
CA ASN D 345 10.44 22.25 -25.64
C ASN D 345 11.76 22.20 -24.87
N LEU D 346 12.85 22.60 -25.53
CA LEU D 346 14.15 22.63 -24.90
C LEU D 346 14.15 23.78 -23.91
N LYS D 347 13.46 24.88 -24.28
CA LYS D 347 13.30 26.10 -23.49
C LYS D 347 12.64 25.80 -22.14
N LEU D 348 11.51 25.09 -22.14
CA LEU D 348 10.85 24.70 -20.90
C LEU D 348 11.71 23.71 -20.11
N ALA D 349 12.43 22.82 -20.82
CA ALA D 349 13.27 21.82 -20.20
C ALA D 349 14.37 22.47 -19.37
N ARG D 350 15.06 23.51 -19.93
CA ARG D 350 16.11 24.22 -19.19
C ARG D 350 15.58 24.99 -18.00
N LYS D 351 14.34 25.53 -18.12
CA LYS D 351 13.68 26.27 -17.07
C LYS D 351 13.39 25.32 -15.88
N LEU D 352 13.06 24.04 -16.21
CA LEU D 352 12.77 22.97 -15.29
C LEU D 352 14.04 22.38 -14.70
N MET D 353 15.14 22.42 -15.43
CA MET D 353 16.42 21.94 -14.92
C MET D 353 17.09 23.00 -14.03
N GLU D 354 16.78 24.29 -14.28
CA GLU D 354 17.33 25.41 -13.50
C GLU D 354 16.78 25.35 -12.08
N GLN D 355 15.47 25.07 -11.94
CA GLN D 355 14.81 24.93 -10.66
C GLN D 355 15.14 23.60 -9.96
N TYR D 356 14.75 22.49 -10.59
CA TYR D 356 14.85 21.13 -10.07
C TYR D 356 16.17 20.42 -10.07
N GLY D 357 17.05 20.80 -10.99
CA GLY D 357 18.37 20.18 -11.12
C GLY D 357 18.34 18.86 -11.86
N THR D 358 17.29 18.07 -11.65
CA THR D 358 17.09 16.75 -12.25
C THR D 358 15.61 16.46 -12.51
N PRO D 359 15.26 15.75 -13.63
CA PRO D 359 13.85 15.40 -13.87
C PRO D 359 13.24 14.48 -12.80
N ASN D 360 14.09 13.92 -11.89
CA ASN D 360 13.64 13.10 -10.75
C ASN D 360 12.97 13.94 -9.65
N ASN D 361 13.30 15.24 -9.57
CA ASN D 361 12.77 16.11 -8.53
C ASN D 361 11.56 16.93 -8.93
N ILE D 362 11.22 16.97 -10.22
CA ILE D 362 10.10 17.75 -10.70
C ILE D 362 8.84 17.28 -9.97
N ASP D 363 8.15 18.22 -9.27
CA ASP D 363 6.93 17.96 -8.53
C ASP D 363 5.90 17.45 -9.50
N ILE D 364 5.19 16.35 -9.13
CA ILE D 364 4.15 15.72 -9.96
C ILE D 364 3.23 16.68 -10.75
N TRP D 365 2.71 17.72 -10.09
CA TRP D 365 1.82 18.69 -10.75
C TRP D 365 2.58 19.49 -11.77
N MET D 366 3.79 19.97 -11.40
CA MET D 366 4.59 20.78 -12.31
C MET D 366 4.95 19.99 -13.57
N GLY D 367 5.53 18.80 -13.38
CA GLY D 367 5.89 17.90 -14.47
C GLY D 367 4.69 17.52 -15.30
N GLY D 368 3.62 17.15 -14.64
CA GLY D 368 2.38 16.74 -15.29
C GLY D 368 1.84 17.74 -16.28
N VAL D 369 1.62 18.97 -15.83
CA VAL D 369 1.07 20.07 -16.64
C VAL D 369 2.02 20.69 -17.71
N SER D 370 3.32 20.34 -17.65
CA SER D 370 4.37 20.79 -18.58
C SER D 370 4.39 19.97 -19.89
N GLU D 371 3.79 18.76 -19.88
CA GLU D 371 3.79 17.85 -21.03
C GLU D 371 2.87 18.30 -22.18
N PRO D 372 3.28 18.11 -23.47
CA PRO D 372 2.37 18.45 -24.59
C PRO D 372 1.07 17.63 -24.46
N LEU D 373 -0.07 18.23 -24.82
CA LEU D 373 -1.39 17.62 -24.67
C LEU D 373 -1.61 16.48 -25.66
N LYS D 374 -2.20 15.40 -25.19
CA LYS D 374 -2.57 14.24 -26.01
C LYS D 374 -3.65 14.68 -27.01
N ARG D 375 -3.59 14.18 -28.25
CA ARG D 375 -4.50 14.48 -29.35
C ARG D 375 -5.95 14.39 -28.88
N LYS D 376 -6.72 15.51 -29.09
CA LYS D 376 -8.14 15.69 -28.70
C LYS D 376 -8.44 15.52 -27.19
N GLY D 377 -7.37 15.59 -26.39
CA GLY D 377 -7.36 15.53 -24.93
C GLY D 377 -6.71 16.79 -24.35
N ARG D 378 -6.83 16.98 -23.03
CA ARG D 378 -6.30 18.16 -22.33
C ARG D 378 -5.20 17.89 -21.30
N VAL D 379 -4.67 16.64 -21.32
CA VAL D 379 -3.58 16.20 -20.45
C VAL D 379 -2.54 15.48 -21.29
N GLY D 380 -1.30 15.44 -20.83
CA GLY D 380 -0.20 14.75 -21.49
C GLY D 380 -0.20 13.25 -21.17
N PRO D 381 0.79 12.46 -21.66
CA PRO D 381 0.80 11.03 -21.36
C PRO D 381 0.82 10.67 -19.87
N LEU D 382 1.53 11.45 -19.01
CA LEU D 382 1.63 11.15 -17.59
C LEU D 382 0.31 11.28 -16.84
N LEU D 383 -0.32 12.49 -16.88
CA LEU D 383 -1.59 12.73 -16.19
C LEU D 383 -2.71 11.84 -16.73
N ALA D 384 -2.67 11.49 -18.05
CA ALA D 384 -3.66 10.61 -18.70
C ALA D 384 -3.64 9.25 -18.04
N CYS D 385 -2.44 8.83 -17.65
CA CYS D 385 -2.24 7.57 -16.98
C CYS D 385 -2.74 7.64 -15.55
N ILE D 386 -2.34 8.70 -14.80
CA ILE D 386 -2.80 8.81 -13.41
C ILE D 386 -4.33 8.91 -13.36
N ILE D 387 -4.91 9.86 -14.14
CA ILE D 387 -6.34 10.09 -14.22
C ILE D 387 -7.15 8.86 -14.75
N GLY D 388 -6.68 8.25 -15.83
CA GLY D 388 -7.33 7.08 -16.42
C GLY D 388 -7.44 5.87 -15.50
N THR D 389 -6.36 5.59 -14.78
CA THR D 389 -6.23 4.47 -13.83
C THR D 389 -7.17 4.70 -12.67
N GLN D 390 -7.23 5.92 -12.15
CA GLN D 390 -8.11 6.23 -11.04
C GLN D 390 -9.56 5.94 -11.39
N PHE D 391 -10.02 6.51 -12.52
CA PHE D 391 -11.37 6.42 -12.99
C PHE D 391 -11.83 5.03 -13.42
N ARG D 392 -10.89 4.16 -13.87
CA ARG D 392 -11.26 2.79 -14.21
C ARG D 392 -11.58 2.02 -12.93
N LYS D 393 -10.74 2.18 -11.89
CA LYS D 393 -10.90 1.63 -10.55
C LYS D 393 -12.22 2.06 -9.87
N LEU D 394 -12.61 3.34 -10.05
CA LEU D 394 -13.83 3.95 -9.54
C LEU D 394 -15.12 3.38 -10.19
N ARG D 395 -15.00 2.84 -11.43
CA ARG D 395 -16.09 2.31 -12.25
C ARG D 395 -16.14 0.78 -12.14
N ASP D 396 -14.98 0.10 -12.30
CA ASP D 396 -14.90 -1.37 -12.21
C ASP D 396 -15.06 -1.91 -10.81
N GLY D 397 -14.72 -1.08 -9.82
CA GLY D 397 -14.80 -1.43 -8.40
C GLY D 397 -15.96 -0.85 -7.61
N ASP D 398 -16.97 -0.28 -8.30
CA ASP D 398 -18.17 0.28 -7.70
C ASP D 398 -19.30 -0.76 -7.84
N ARG D 399 -19.83 -1.27 -6.72
CA ARG D 399 -20.88 -2.27 -6.75
C ARG D 399 -22.22 -1.69 -7.23
N PHE D 400 -22.35 -0.37 -7.04
CA PHE D 400 -23.55 0.34 -7.47
C PHE D 400 -23.36 1.13 -8.76
N TRP D 401 -22.41 0.71 -9.63
CA TRP D 401 -22.19 1.37 -10.93
C TRP D 401 -23.49 1.24 -11.75
N TRP D 402 -24.00 2.38 -12.28
CA TRP D 402 -25.26 2.47 -13.01
C TRP D 402 -25.51 1.39 -14.09
N GLU D 403 -24.43 0.89 -14.75
CA GLU D 403 -24.52 -0.13 -15.80
C GLU D 403 -24.44 -1.56 -15.26
N ASN D 404 -24.06 -1.72 -13.99
CA ASN D 404 -23.91 -3.03 -13.37
C ASN D 404 -25.25 -3.75 -13.32
N GLU D 405 -25.28 -5.08 -13.66
CA GLU D 405 -26.51 -5.87 -13.63
C GLU D 405 -27.08 -5.94 -12.23
N GLY D 406 -28.35 -5.58 -12.11
CA GLY D 406 -29.06 -5.51 -10.83
C GLY D 406 -29.27 -4.08 -10.34
N VAL D 407 -28.35 -3.15 -10.66
CA VAL D 407 -28.43 -1.76 -10.21
C VAL D 407 -29.69 -1.05 -10.76
N PHE D 408 -29.89 -1.07 -12.09
CA PHE D 408 -31.06 -0.47 -12.75
C PHE D 408 -31.74 -1.49 -13.64
N SER D 409 -33.03 -1.26 -13.96
CA SER D 409 -33.73 -2.15 -14.89
C SER D 409 -33.32 -1.82 -16.32
N MET D 410 -33.38 -2.82 -17.25
CA MET D 410 -32.99 -2.60 -18.66
C MET D 410 -33.59 -1.30 -19.15
N GLN D 411 -34.91 -1.07 -18.92
CA GLN D 411 -35.70 0.10 -19.32
C GLN D 411 -35.23 1.38 -18.60
N GLN D 412 -34.82 1.27 -17.30
CA GLN D 412 -34.30 2.42 -16.52
C GLN D 412 -32.98 2.94 -17.11
N ARG D 413 -32.09 2.00 -17.47
CA ARG D 413 -30.81 2.28 -18.11
C ARG D 413 -31.04 2.98 -19.44
N GLN D 414 -32.03 2.48 -20.22
CA GLN D 414 -32.42 3.03 -21.52
C GLN D 414 -32.88 4.48 -21.35
N ALA D 415 -33.65 4.74 -20.26
CA ALA D 415 -34.13 6.07 -19.92
C ALA D 415 -32.97 6.99 -19.48
N LEU D 416 -32.08 6.49 -18.58
CA LEU D 416 -30.89 7.18 -18.06
C LEU D 416 -29.91 7.55 -19.18
N ALA D 417 -29.80 6.71 -20.22
CA ALA D 417 -28.90 6.93 -21.36
C ALA D 417 -29.22 8.21 -22.15
N GLN D 418 -30.43 8.76 -21.98
CA GLN D 418 -30.85 9.97 -22.69
C GLN D 418 -30.58 11.29 -21.99
N ILE D 419 -30.09 11.23 -20.74
CA ILE D 419 -29.77 12.41 -19.93
C ILE D 419 -28.57 13.12 -20.48
N SER D 420 -28.42 14.40 -20.13
CA SER D 420 -27.33 15.28 -20.53
C SER D 420 -27.34 16.48 -19.59
N LEU D 421 -26.17 17.12 -19.39
CA LEU D 421 -26.07 18.30 -18.53
C LEU D 421 -26.98 19.44 -19.08
N PRO D 422 -27.00 19.70 -20.43
CA PRO D 422 -27.90 20.73 -20.95
C PRO D 422 -29.38 20.54 -20.54
N ARG D 423 -29.91 19.29 -20.61
CA ARG D 423 -31.28 18.99 -20.20
C ARG D 423 -31.52 19.32 -18.72
N ILE D 424 -30.58 18.90 -17.83
CA ILE D 424 -30.64 19.19 -16.39
C ILE D 424 -30.70 20.73 -16.16
N ILE D 425 -29.91 21.51 -16.95
CA ILE D 425 -29.90 22.98 -16.89
C ILE D 425 -31.29 23.54 -17.23
N CYS D 426 -31.98 22.92 -18.22
CA CYS D 426 -33.31 23.32 -18.68
C CYS D 426 -34.35 23.15 -17.58
N ASP D 427 -34.57 21.87 -17.15
CA ASP D 427 -35.51 21.45 -16.13
C ASP D 427 -35.45 22.25 -14.83
N ASN D 428 -34.24 22.63 -14.44
CA ASN D 428 -33.97 23.27 -13.16
C ASN D 428 -33.62 24.76 -13.15
N THR D 429 -33.67 25.45 -14.31
CA THR D 429 -33.39 26.89 -14.37
C THR D 429 -34.36 27.63 -15.30
N GLY D 430 -34.14 28.92 -15.48
CA GLY D 430 -34.90 29.77 -16.39
C GLY D 430 -34.20 29.91 -17.72
N ILE D 431 -33.08 29.14 -17.91
CA ILE D 431 -32.31 29.13 -19.15
C ILE D 431 -33.07 28.32 -20.19
N THR D 432 -33.54 29.02 -21.22
CA THR D 432 -34.36 28.50 -22.32
C THR D 432 -33.50 28.02 -23.51
N THR D 433 -32.27 28.54 -23.65
CA THR D 433 -31.39 28.15 -24.74
C THR D 433 -30.11 27.58 -24.16
N VAL D 434 -29.84 26.30 -24.46
CA VAL D 434 -28.65 25.62 -23.96
C VAL D 434 -27.67 25.17 -25.08
N SER D 435 -26.49 24.60 -24.69
CA SER D 435 -25.48 24.14 -25.62
C SER D 435 -25.77 22.75 -26.17
N LYS D 436 -25.62 22.57 -27.48
CA LYS D 436 -25.77 21.31 -28.20
C LYS D 436 -24.67 20.34 -27.69
N ASN D 437 -25.03 19.09 -27.44
CA ASN D 437 -24.10 18.07 -26.96
C ASN D 437 -22.93 17.93 -27.96
N ASN D 438 -21.68 17.81 -27.47
CA ASN D 438 -21.22 17.68 -26.08
C ASN D 438 -21.03 19.06 -25.42
N ILE D 439 -21.69 19.27 -24.25
CA ILE D 439 -21.63 20.50 -23.44
C ILE D 439 -20.20 21.02 -23.19
N PHE D 440 -19.23 20.09 -22.98
CA PHE D 440 -17.80 20.39 -22.73
C PHE D 440 -17.00 20.95 -23.91
N MET D 441 -17.48 20.72 -25.16
CA MET D 441 -16.88 21.24 -26.38
C MET D 441 -17.60 22.50 -26.92
N SER D 442 -18.94 22.56 -26.76
CA SER D 442 -19.80 23.66 -27.16
C SER D 442 -19.52 24.86 -26.27
N ASN D 443 -18.86 25.89 -26.84
CA ASN D 443 -18.42 27.11 -26.14
C ASN D 443 -18.80 28.43 -26.85
N SER D 444 -19.47 28.39 -28.01
CA SER D 444 -19.80 29.62 -28.70
C SER D 444 -21.28 29.83 -29.04
N TYR D 445 -21.79 31.04 -28.71
CA TYR D 445 -23.17 31.42 -28.98
C TYR D 445 -23.27 32.26 -30.29
N PRO D 446 -24.22 31.94 -31.21
CA PRO D 446 -25.25 30.89 -31.14
C PRO D 446 -24.92 29.57 -31.86
N ARG D 447 -23.76 29.53 -32.57
CA ARG D 447 -23.23 28.43 -33.39
C ARG D 447 -23.38 27.04 -32.76
N ASP D 448 -23.07 26.93 -31.47
CA ASP D 448 -23.09 25.67 -30.73
C ASP D 448 -24.35 25.51 -29.85
N PHE D 449 -25.27 26.47 -29.90
CA PHE D 449 -26.46 26.46 -29.04
C PHE D 449 -27.77 25.97 -29.66
N VAL D 450 -28.70 25.45 -28.81
CA VAL D 450 -30.05 24.91 -29.16
C VAL D 450 -31.14 25.32 -28.14
N ASN D 451 -32.43 25.12 -28.48
CA ASN D 451 -33.56 25.39 -27.60
C ASN D 451 -34.02 24.13 -26.88
N CYS D 452 -34.53 24.29 -25.64
CA CYS D 452 -35.02 23.22 -24.75
C CYS D 452 -36.05 22.25 -25.32
N SER D 453 -36.91 22.73 -26.25
CA SER D 453 -37.93 21.88 -26.88
C SER D 453 -37.32 20.72 -27.68
N THR D 454 -36.11 20.92 -28.25
CA THR D 454 -35.40 19.91 -29.04
C THR D 454 -34.77 18.84 -28.17
N LEU D 455 -34.52 19.16 -26.89
CA LEU D 455 -33.90 18.27 -25.91
C LEU D 455 -34.91 17.31 -25.30
N PRO D 456 -34.68 16.00 -25.42
CA PRO D 456 -35.61 15.04 -24.79
C PRO D 456 -35.34 14.87 -23.27
N ALA D 457 -36.41 15.06 -22.48
CA ALA D 457 -36.32 14.92 -21.02
C ALA D 457 -36.25 13.45 -20.60
N LEU D 458 -35.74 13.18 -19.37
CA LEU D 458 -35.63 11.85 -18.82
C LEU D 458 -37.03 11.41 -18.41
N ASN D 459 -37.48 10.24 -18.95
CA ASN D 459 -38.80 9.68 -18.69
C ASN D 459 -38.69 8.64 -17.58
N LEU D 460 -39.42 8.90 -16.48
CA LEU D 460 -39.40 8.02 -15.31
C LEU D 460 -40.51 6.94 -15.33
N ALA D 461 -41.09 6.66 -16.52
CA ALA D 461 -42.14 5.63 -16.70
C ALA D 461 -41.69 4.23 -16.23
N SER D 462 -40.39 3.89 -16.45
CA SER D 462 -39.77 2.63 -16.06
C SER D 462 -39.55 2.54 -14.55
N TRP D 463 -39.77 3.66 -13.85
CA TRP D 463 -39.63 3.73 -12.40
C TRP D 463 -40.98 3.46 -11.71
N ARG D 464 -42.07 3.33 -12.50
CA ARG D 464 -43.43 3.08 -11.99
C ARG D 464 -43.55 1.70 -11.38
N GLU D 465 -43.72 1.66 -10.03
CA GLU D 465 -43.82 0.46 -9.19
C GLU D 465 -45.29 0.03 -8.98
#